data_7SZE
#
_entry.id   7SZE
#
_cell.length_a   74.978
_cell.length_b   96.930
_cell.length_c   80.672
_cell.angle_alpha   90.000
_cell.angle_beta   106.910
_cell.angle_gamma   90.000
#
_symmetry.space_group_name_H-M   'P 1 21 1'
#
loop_
_entity.id
_entity.type
_entity.pdbx_description
1 polymer SxtDIOX
2 non-polymer 'FE2/S2 (INORGANIC) CLUSTER'
3 non-polymer '[(3aS,4R,10aS)-2,6-diamino-10,10-dihydroxy-3a,4,9,10-tetrahydro-3H,8H-pyrrolo[1,2-c]purin-4-yl]methyl carbamate'
4 non-polymer GLYCEROL
5 non-polymer 'FE (III) ION'
6 non-polymer 'CHLORIDE ION'
7 water water
#
_entity_poly.entity_id   1
_entity_poly.type   'polypeptide(L)'
_entity_poly.pdbx_seq_one_letter_code
;MTTADLILINNWYVVAKVEDCRPGSITTAHLLGVKLVLWRSHEQNSPIQVWQDYCPHRGVPLSMGEVANNTLVCPYHGWR
YNQAGKCVQIPAHPDMVPPASAQAKTYHCQERYGLVWVCLGNPVNDIPSFPEWDDPNYHKTYTKSYLIQASPFRVMDNSI
DVSHFPFIHEGILGDRNHAEVEDLEVKVDKDGLTMGKYQVHTSKFNNSTKDDSMVNWFRLSHPLCQYCSTEASEMRTVDL
MVVTPIDEDNSVLRYLIMWNGSKTLESKILADYDQVIEEDIRILHSQQPTRLPLLSPKQINTQGLPQEIHVPSDRCTVAY
RRWLKELGVTYGVC
;
_entity_poly.pdbx_strand_id   A,B,C
#
loop_
_chem_comp.id
_chem_comp.type
_chem_comp.name
_chem_comp.formula
9SL non-polymer '[(3aS,4R,10aS)-2,6-diamino-10,10-dihydroxy-3a,4,9,10-tetrahydro-3H,8H-pyrrolo[1,2-c]purin-4-yl]methyl carbamate' 'C10 H17 N7 O4'
CL non-polymer 'CHLORIDE ION' 'Cl -1'
FE non-polymer 'FE (III) ION' 'Fe 3'
FES non-polymer 'FE2/S2 (INORGANIC) CLUSTER' 'Fe2 S2'
GOL non-polymer GLYCEROL 'C3 H8 O3'
#
# COMPACT_ATOMS: atom_id res chain seq x y z
N MET A 1 -24.71 -5.95 -40.57
CA MET A 1 -25.97 -6.58 -40.93
C MET A 1 -26.89 -6.67 -39.71
N THR A 2 -26.31 -6.46 -38.54
CA THR A 2 -27.03 -6.62 -37.29
C THR A 2 -27.95 -5.43 -37.02
N THR A 3 -29.07 -5.72 -36.37
CA THR A 3 -30.08 -4.73 -36.01
C THR A 3 -30.04 -4.40 -34.51
N ALA A 4 -29.02 -4.86 -33.80
CA ALA A 4 -28.86 -4.55 -32.39
C ALA A 4 -28.46 -3.09 -32.21
N ASP A 5 -28.72 -2.57 -31.01
CA ASP A 5 -28.37 -1.20 -30.67
C ASP A 5 -26.87 -0.98 -30.74
N LEU A 6 -26.49 0.27 -31.07
CA LEU A 6 -25.07 0.65 -31.14
C LEU A 6 -24.34 0.31 -29.83
N ILE A 7 -24.99 0.56 -28.69
CA ILE A 7 -24.34 0.31 -27.40
C ILE A 7 -23.97 -1.16 -27.27
N LEU A 8 -24.74 -2.05 -27.90
CA LEU A 8 -24.42 -3.47 -27.88
C LEU A 8 -23.39 -3.82 -28.95
N ILE A 9 -23.55 -3.25 -30.16
CA ILE A 9 -22.64 -3.49 -31.27
C ILE A 9 -21.19 -3.15 -30.89
N ASN A 10 -20.99 -2.12 -30.07
CA ASN A 10 -19.64 -1.64 -29.81
C ASN A 10 -18.97 -2.32 -28.61
N ASN A 11 -19.58 -3.36 -28.05
CA ASN A 11 -18.99 -4.08 -26.92
C ASN A 11 -18.36 -5.37 -27.40
N TRP A 12 -17.50 -5.95 -26.56
CA TRP A 12 -16.84 -7.22 -26.83
C TRP A 12 -17.65 -8.39 -26.29
N TYR A 13 -17.74 -9.49 -27.06
CA TYR A 13 -18.45 -10.69 -26.62
C TYR A 13 -17.60 -11.91 -26.91
N VAL A 14 -17.65 -12.89 -26.00
CA VAL A 14 -17.00 -14.18 -26.28
C VAL A 14 -17.82 -14.97 -27.28
N VAL A 15 -17.15 -15.56 -28.28
CA VAL A 15 -17.83 -16.42 -29.24
C VAL A 15 -17.25 -17.81 -29.30
N ALA A 16 -16.08 -18.05 -28.72
CA ALA A 16 -15.47 -19.37 -28.82
C ALA A 16 -14.39 -19.49 -27.77
N LYS A 17 -13.92 -20.71 -27.57
CA LYS A 17 -12.71 -20.95 -26.81
C LYS A 17 -11.53 -21.00 -27.78
N VAL A 18 -10.41 -20.39 -27.37
CA VAL A 18 -9.22 -20.39 -28.22
C VAL A 18 -8.80 -21.81 -28.57
N GLU A 19 -8.94 -22.75 -27.63
CA GLU A 19 -8.50 -24.12 -27.89
C GLU A 19 -9.29 -24.76 -29.02
N ASP A 20 -10.48 -24.27 -29.34
CA ASP A 20 -11.26 -24.85 -30.44
C ASP A 20 -10.96 -24.22 -31.79
N CYS A 21 -10.12 -23.18 -31.83
CA CYS A 21 -9.76 -22.51 -33.06
C CYS A 21 -8.30 -22.88 -33.35
N ARG A 22 -8.11 -24.06 -33.91
CA ARG A 22 -6.76 -24.55 -34.17
C ARG A 22 -6.23 -23.99 -35.48
N PRO A 23 -4.90 -23.98 -35.67
CA PRO A 23 -4.38 -23.52 -36.95
C PRO A 23 -4.95 -24.34 -38.09
N GLY A 24 -5.29 -23.64 -39.17
CA GLY A 24 -5.90 -24.26 -40.33
C GLY A 24 -7.39 -24.48 -40.24
N SER A 25 -8.01 -24.21 -39.09
CA SER A 25 -9.39 -24.61 -38.88
C SER A 25 -10.38 -23.55 -39.37
N ILE A 26 -11.60 -24.01 -39.64
CA ILE A 26 -12.74 -23.16 -39.89
C ILE A 26 -13.82 -23.53 -38.89
N THR A 27 -14.33 -22.54 -38.15
CA THR A 27 -15.42 -22.78 -37.22
C THR A 27 -16.44 -21.65 -37.38
N THR A 28 -17.60 -21.81 -36.76
CA THR A 28 -18.67 -20.83 -36.91
C THR A 28 -19.14 -20.34 -35.55
N ALA A 29 -19.83 -19.21 -35.59
CA ALA A 29 -20.51 -18.70 -34.40
C ALA A 29 -21.64 -17.80 -34.87
N HIS A 30 -22.39 -17.28 -33.91
CA HIS A 30 -23.56 -16.48 -34.20
C HIS A 30 -23.62 -15.38 -33.15
N LEU A 31 -23.66 -14.12 -33.58
CA LEU A 31 -23.57 -12.99 -32.65
C LEU A 31 -24.49 -11.87 -33.10
N LEU A 32 -25.42 -11.47 -32.22
CA LEU A 32 -26.33 -10.35 -32.48
C LEU A 32 -26.99 -10.45 -33.85
N GLY A 33 -27.40 -11.67 -34.20
CA GLY A 33 -28.09 -11.90 -35.45
C GLY A 33 -27.21 -12.13 -36.65
N VAL A 34 -25.90 -12.06 -36.49
CA VAL A 34 -24.94 -12.19 -37.60
C VAL A 34 -24.28 -13.55 -37.55
N LYS A 35 -24.26 -14.26 -38.69
CA LYS A 35 -23.53 -15.52 -38.77
C LYS A 35 -22.05 -15.25 -39.01
N LEU A 36 -21.18 -15.88 -38.21
CA LEU A 36 -19.75 -15.59 -38.25
C LEU A 36 -18.99 -16.83 -38.70
N VAL A 37 -17.89 -16.59 -39.40
CA VAL A 37 -16.90 -17.63 -39.70
C VAL A 37 -15.60 -17.22 -39.02
N LEU A 38 -14.96 -18.17 -38.34
CA LEU A 38 -13.68 -17.97 -37.69
C LEU A 38 -12.67 -18.87 -38.36
N TRP A 39 -11.54 -18.32 -38.80
CA TRP A 39 -10.56 -19.18 -39.42
C TRP A 39 -9.14 -18.72 -39.08
N ARG A 40 -8.20 -19.67 -39.18
CA ARG A 40 -6.77 -19.40 -39.01
C ARG A 40 -5.99 -20.12 -40.11
N SER A 41 -4.91 -19.49 -40.54
CA SER A 41 -3.99 -20.20 -41.42
C SER A 41 -3.28 -21.32 -40.68
N HIS A 42 -2.62 -22.19 -41.44
CA HIS A 42 -1.96 -23.35 -40.84
C HIS A 42 -0.68 -22.99 -40.09
N GLU A 43 -0.22 -21.75 -40.19
CA GLU A 43 1.00 -21.36 -39.48
C GLU A 43 0.76 -21.35 -37.98
N GLN A 44 1.73 -21.85 -37.23
CA GLN A 44 1.61 -21.79 -35.77
C GLN A 44 1.57 -20.33 -35.33
N ASN A 45 0.73 -20.07 -34.33
CA ASN A 45 0.50 -18.74 -33.77
C ASN A 45 -0.14 -17.78 -34.78
N SER A 46 -0.77 -18.30 -35.82
CA SER A 46 -1.51 -17.45 -36.74
C SER A 46 -2.65 -16.75 -36.01
N PRO A 47 -3.04 -15.56 -36.45
CA PRO A 47 -4.18 -14.87 -35.84
C PRO A 47 -5.50 -15.49 -36.28
N ILE A 48 -6.53 -15.25 -35.46
CA ILE A 48 -7.88 -15.67 -35.81
C ILE A 48 -8.57 -14.54 -36.56
N GLN A 49 -9.09 -14.87 -37.74
CA GLN A 49 -9.98 -13.99 -38.48
C GLN A 49 -11.42 -14.30 -38.10
N VAL A 50 -12.22 -13.25 -37.89
CA VAL A 50 -13.65 -13.40 -37.65
C VAL A 50 -14.38 -12.53 -38.66
N TRP A 51 -15.11 -13.15 -39.58
CA TRP A 51 -15.79 -12.45 -40.66
C TRP A 51 -17.27 -12.82 -40.66
N GLN A 52 -18.08 -12.00 -41.33
CA GLN A 52 -19.42 -12.45 -41.65
C GLN A 52 -19.35 -13.65 -42.57
N ASP A 53 -20.19 -14.66 -42.32
CA ASP A 53 -20.08 -15.95 -42.99
C ASP A 53 -20.84 -15.89 -44.32
N TYR A 54 -20.24 -15.22 -45.30
CA TYR A 54 -20.98 -14.84 -46.50
C TYR A 54 -20.00 -14.44 -47.59
N CYS A 55 -20.01 -15.17 -48.70
CA CYS A 55 -19.26 -14.76 -49.88
C CYS A 55 -20.11 -13.79 -50.71
N PRO A 56 -19.63 -12.57 -50.96
CA PRO A 56 -20.48 -11.58 -51.64
C PRO A 56 -20.69 -11.83 -53.13
N HIS A 57 -20.03 -12.83 -53.73
CA HIS A 57 -20.27 -13.16 -55.13
C HIS A 57 -21.69 -13.70 -55.35
N ARG A 58 -22.00 -14.88 -54.79
CA ARG A 58 -23.31 -15.49 -54.97
C ARG A 58 -23.90 -15.97 -53.65
N GLY A 59 -23.39 -15.46 -52.53
CA GLY A 59 -24.09 -15.61 -51.26
C GLY A 59 -23.93 -16.95 -50.56
N VAL A 60 -22.83 -17.64 -50.78
CA VAL A 60 -22.53 -18.94 -50.15
C VAL A 60 -21.78 -18.71 -48.85
N PRO A 61 -22.02 -19.48 -47.79
CA PRO A 61 -21.22 -19.32 -46.56
C PRO A 61 -19.75 -19.66 -46.79
N LEU A 62 -18.86 -18.74 -46.44
CA LEU A 62 -17.43 -19.04 -46.55
C LEU A 62 -17.01 -20.17 -45.62
N SER A 63 -17.78 -20.42 -44.56
CA SER A 63 -17.48 -21.53 -43.68
C SER A 63 -17.59 -22.88 -44.36
N MET A 64 -18.19 -22.95 -45.55
CA MET A 64 -18.21 -24.18 -46.33
C MET A 64 -16.96 -24.34 -47.19
N GLY A 65 -16.01 -23.42 -47.06
CA GLY A 65 -14.79 -23.43 -47.87
C GLY A 65 -13.62 -24.17 -47.25
N GLU A 66 -12.41 -23.75 -47.61
CA GLU A 66 -11.21 -24.37 -47.08
C GLU A 66 -10.12 -23.32 -46.94
N VAL A 67 -9.23 -23.56 -45.99
CA VAL A 67 -8.10 -22.66 -45.74
C VAL A 67 -6.93 -23.18 -46.55
N ALA A 68 -6.37 -22.32 -47.39
CA ALA A 68 -5.24 -22.67 -48.25
C ALA A 68 -4.31 -21.48 -48.33
N ASN A 69 -3.04 -21.69 -47.97
CA ASN A 69 -1.97 -20.70 -48.20
C ASN A 69 -2.37 -19.31 -47.71
N ASN A 70 -2.70 -19.24 -46.42
CA ASN A 70 -3.06 -17.99 -45.76
C ASN A 70 -4.29 -17.33 -46.39
N THR A 71 -5.13 -18.09 -47.08
CA THR A 71 -6.37 -17.57 -47.63
C THR A 71 -7.52 -18.49 -47.26
N LEU A 72 -8.72 -17.92 -47.25
CA LEU A 72 -9.97 -18.68 -47.15
C LEU A 72 -10.61 -18.72 -48.55
N VAL A 73 -10.90 -19.94 -49.02
CA VAL A 73 -11.34 -20.17 -50.39
C VAL A 73 -12.80 -20.57 -50.39
N CYS A 74 -13.62 -19.80 -51.10
CA CYS A 74 -15.03 -20.11 -51.21
C CYS A 74 -15.23 -21.38 -52.04
N PRO A 75 -16.13 -22.28 -51.64
CA PRO A 75 -16.29 -23.55 -52.37
C PRO A 75 -16.97 -23.41 -53.72
N TYR A 76 -17.68 -22.30 -53.98
CA TYR A 76 -18.56 -22.28 -55.13
C TYR A 76 -17.80 -21.92 -56.41
N HIS A 77 -17.10 -20.79 -56.43
CA HIS A 77 -16.26 -20.43 -57.58
C HIS A 77 -14.80 -20.21 -57.20
N GLY A 78 -14.40 -20.63 -56.00
CA GLY A 78 -13.00 -20.63 -55.63
C GLY A 78 -12.36 -19.27 -55.41
N TRP A 79 -13.14 -18.21 -55.21
CA TRP A 79 -12.54 -16.93 -54.91
C TRP A 79 -11.76 -17.02 -53.60
N ARG A 80 -10.58 -16.40 -53.58
CA ARG A 80 -9.66 -16.54 -52.44
C ARG A 80 -9.55 -15.20 -51.71
N TYR A 81 -9.69 -15.26 -50.39
CA TYR A 81 -9.68 -14.07 -49.55
C TYR A 81 -8.50 -14.12 -48.60
N ASN A 82 -7.70 -13.05 -48.56
CA ASN A 82 -6.54 -13.05 -47.69
C ASN A 82 -6.95 -12.73 -46.25
N GLN A 83 -5.94 -12.62 -45.36
CA GLN A 83 -6.26 -12.46 -43.94
C GLN A 83 -7.01 -11.17 -43.66
N ALA A 84 -6.83 -10.14 -44.50
CA ALA A 84 -7.56 -8.89 -44.36
C ALA A 84 -8.96 -8.95 -44.98
N GLY A 85 -9.36 -10.08 -45.55
CA GLY A 85 -10.66 -10.21 -46.16
C GLY A 85 -10.75 -9.78 -47.60
N LYS A 86 -9.64 -9.38 -48.21
CA LYS A 86 -9.64 -8.92 -49.59
C LYS A 86 -9.51 -10.12 -50.51
N CYS A 87 -10.40 -10.19 -51.50
CA CYS A 87 -10.27 -11.20 -52.54
C CYS A 87 -9.00 -10.92 -53.34
N VAL A 88 -8.10 -11.91 -53.39
CA VAL A 88 -6.84 -11.77 -54.12
C VAL A 88 -6.78 -12.65 -55.35
N GLN A 89 -7.74 -13.53 -55.57
CA GLN A 89 -7.69 -14.39 -56.75
C GLN A 89 -9.10 -14.83 -57.12
N ILE A 90 -9.47 -14.61 -58.37
CA ILE A 90 -10.70 -15.11 -58.97
C ILE A 90 -10.30 -16.12 -60.05
N PRO A 91 -10.50 -17.42 -59.80
CA PRO A 91 -9.93 -18.43 -60.71
C PRO A 91 -10.45 -18.36 -62.13
N ALA A 92 -11.69 -17.91 -62.36
CA ALA A 92 -12.18 -17.83 -63.72
C ALA A 92 -11.41 -16.81 -64.55
N HIS A 93 -10.79 -15.84 -63.89
CA HIS A 93 -10.10 -14.72 -64.52
C HIS A 93 -8.77 -14.51 -63.81
N PRO A 94 -7.83 -15.43 -64.00
CA PRO A 94 -6.66 -15.49 -63.10
C PRO A 94 -5.74 -14.28 -63.19
N ASP A 95 -5.75 -13.56 -64.30
CA ASP A 95 -4.94 -12.36 -64.46
C ASP A 95 -5.68 -11.09 -64.12
N MET A 96 -6.95 -11.18 -63.75
CA MET A 96 -7.74 -10.00 -63.46
C MET A 96 -7.53 -9.59 -62.01
N VAL A 97 -7.47 -8.27 -61.78
CA VAL A 97 -7.48 -7.76 -60.41
C VAL A 97 -8.91 -7.78 -59.91
N PRO A 98 -9.20 -8.47 -58.80
CA PRO A 98 -10.58 -8.56 -58.32
C PRO A 98 -11.12 -7.19 -57.97
N PRO A 99 -12.39 -6.92 -58.28
CA PRO A 99 -12.97 -5.62 -57.95
C PRO A 99 -12.85 -5.30 -56.47
N ALA A 100 -12.86 -3.99 -56.17
CA ALA A 100 -12.72 -3.55 -54.77
C ALA A 100 -13.84 -4.11 -53.89
N SER A 101 -15.05 -4.23 -54.43
CA SER A 101 -16.17 -4.77 -53.67
C SER A 101 -15.98 -6.23 -53.28
N ALA A 102 -15.03 -6.93 -53.89
CA ALA A 102 -14.77 -8.34 -53.58
C ALA A 102 -13.98 -8.41 -52.30
N GLN A 103 -14.71 -8.39 -51.18
CA GLN A 103 -14.13 -8.15 -49.87
C GLN A 103 -15.07 -8.75 -48.84
N ALA A 104 -14.55 -9.59 -47.95
CA ALA A 104 -15.37 -10.10 -46.86
C ALA A 104 -15.61 -9.00 -45.84
N LYS A 105 -16.76 -9.07 -45.17
CA LYS A 105 -17.04 -8.18 -44.05
C LYS A 105 -16.29 -8.71 -42.83
N THR A 106 -15.32 -7.95 -42.34
CA THR A 106 -14.47 -8.41 -41.25
C THR A 106 -14.85 -7.71 -39.95
N TYR A 107 -14.58 -8.38 -38.83
CA TYR A 107 -14.87 -7.84 -37.51
C TYR A 107 -13.63 -7.89 -36.63
N HIS A 108 -13.66 -7.12 -35.55
CA HIS A 108 -12.56 -7.11 -34.59
C HIS A 108 -12.56 -8.39 -33.76
N CYS A 109 -11.36 -8.94 -33.56
CA CYS A 109 -11.16 -10.16 -32.79
C CYS A 109 -9.95 -10.03 -31.89
N GLN A 110 -10.09 -10.42 -30.62
N GLN A 110 -10.11 -10.40 -30.63
CA GLN A 110 -8.98 -10.44 -29.67
CA GLN A 110 -9.02 -10.48 -29.66
C GLN A 110 -9.08 -11.69 -28.81
C GLN A 110 -9.10 -11.80 -28.93
N GLU A 111 -7.94 -12.37 -28.60
CA GLU A 111 -7.85 -13.50 -27.69
C GLU A 111 -7.50 -12.98 -26.30
N ARG A 112 -8.26 -13.40 -25.29
CA ARG A 112 -8.00 -12.99 -23.92
C ARG A 112 -8.58 -14.04 -22.98
N TYR A 113 -7.79 -14.42 -21.96
CA TYR A 113 -8.25 -15.41 -20.96
C TYR A 113 -8.57 -16.76 -21.61
N GLY A 114 -7.93 -17.06 -22.73
CA GLY A 114 -8.20 -18.30 -23.42
C GLY A 114 -9.50 -18.30 -24.19
N LEU A 115 -10.09 -17.13 -24.39
CA LEU A 115 -11.38 -17.01 -25.05
C LEU A 115 -11.23 -16.11 -26.28
N VAL A 116 -12.08 -16.36 -27.26
CA VAL A 116 -12.13 -15.55 -28.47
C VAL A 116 -13.19 -14.46 -28.30
N TRP A 117 -12.76 -13.21 -28.32
CA TRP A 117 -13.66 -12.08 -28.14
C TRP A 117 -13.85 -11.37 -29.47
N VAL A 118 -15.08 -10.95 -29.74
CA VAL A 118 -15.41 -10.32 -31.01
C VAL A 118 -16.17 -9.03 -30.76
N CYS A 119 -15.83 -7.99 -31.53
CA CYS A 119 -16.60 -6.75 -31.54
C CYS A 119 -17.06 -6.49 -32.97
N LEU A 120 -18.38 -6.49 -33.19
CA LEU A 120 -18.97 -6.26 -34.50
C LEU A 120 -18.93 -4.80 -34.91
N GLY A 121 -18.67 -3.91 -33.97
CA GLY A 121 -18.71 -2.51 -34.27
C GLY A 121 -17.36 -1.86 -34.15
N ASN A 122 -17.31 -0.76 -33.41
CA ASN A 122 -16.07 -0.03 -33.22
C ASN A 122 -15.77 -0.05 -31.74
N PRO A 123 -14.76 -0.82 -31.31
CA PRO A 123 -14.57 -1.03 -29.87
C PRO A 123 -14.27 0.26 -29.13
N VAL A 124 -15.23 0.68 -28.32
CA VAL A 124 -15.07 1.86 -27.48
C VAL A 124 -14.46 1.49 -26.13
N ASN A 125 -14.62 0.25 -25.69
CA ASN A 125 -14.15 -0.16 -24.37
C ASN A 125 -13.15 -1.29 -24.55
N ASP A 126 -12.41 -1.54 -23.47
CA ASP A 126 -11.56 -2.71 -23.41
C ASP A 126 -12.41 -3.95 -23.08
N ILE A 127 -11.80 -5.11 -23.32
CA ILE A 127 -12.38 -6.36 -22.85
C ILE A 127 -12.46 -6.32 -21.33
N PRO A 128 -13.52 -6.82 -20.70
CA PRO A 128 -13.63 -6.75 -19.23
C PRO A 128 -12.39 -7.30 -18.55
N SER A 129 -12.05 -6.70 -17.42
N SER A 129 -12.05 -6.70 -17.42
CA SER A 129 -10.90 -7.15 -16.65
CA SER A 129 -10.90 -7.13 -16.63
C SER A 129 -11.24 -8.41 -15.87
C SER A 129 -11.23 -8.39 -15.84
N PHE A 130 -10.21 -9.21 -15.61
CA PHE A 130 -10.35 -10.45 -14.83
C PHE A 130 -9.05 -10.59 -14.05
N PRO A 131 -8.97 -9.96 -12.86
CA PRO A 131 -7.65 -9.77 -12.25
C PRO A 131 -6.96 -11.06 -11.84
N GLU A 132 -7.71 -12.11 -11.50
CA GLU A 132 -7.05 -13.36 -11.09
C GLU A 132 -6.41 -14.12 -12.24
N TRP A 133 -6.68 -13.76 -13.51
CA TRP A 133 -5.99 -14.41 -14.61
C TRP A 133 -4.47 -14.34 -14.44
N ASP A 134 -3.97 -13.21 -13.95
CA ASP A 134 -2.53 -13.01 -13.74
C ASP A 134 -2.07 -13.42 -12.35
N ASP A 135 -2.89 -14.13 -11.60
CA ASP A 135 -2.50 -14.51 -10.24
C ASP A 135 -2.22 -16.00 -10.25
N PRO A 136 -0.95 -16.43 -10.20
CA PRO A 136 -0.63 -17.85 -10.33
C PRO A 136 -0.95 -18.65 -9.08
N ASN A 137 -1.40 -18.00 -8.01
CA ASN A 137 -1.93 -18.71 -6.88
C ASN A 137 -3.27 -19.37 -7.20
N TYR A 138 -3.91 -18.98 -8.29
CA TYR A 138 -5.24 -19.48 -8.66
C TYR A 138 -5.12 -20.45 -9.81
N HIS A 139 -5.84 -21.57 -9.71
CA HIS A 139 -5.97 -22.51 -10.80
C HIS A 139 -7.13 -22.08 -11.69
N LYS A 140 -7.21 -22.66 -12.89
CA LYS A 140 -8.29 -22.27 -13.81
C LYS A 140 -8.95 -23.49 -14.42
N THR A 141 -10.24 -23.34 -14.71
CA THR A 141 -10.96 -24.34 -15.49
C THR A 141 -12.07 -23.63 -16.26
N TYR A 142 -12.58 -24.29 -17.30
CA TYR A 142 -13.63 -23.73 -18.14
C TYR A 142 -14.83 -24.67 -18.12
N THR A 143 -16.03 -24.12 -17.97
CA THR A 143 -17.20 -24.95 -18.16
C THR A 143 -17.37 -25.29 -19.64
N LYS A 144 -18.19 -26.30 -19.91
CA LYS A 144 -18.63 -26.39 -21.27
C LYS A 144 -19.55 -25.20 -21.58
N SER A 145 -19.88 -25.07 -22.86
CA SER A 145 -20.84 -24.05 -23.25
C SER A 145 -22.25 -24.59 -23.08
N TYR A 146 -23.19 -23.69 -22.84
CA TYR A 146 -24.60 -24.03 -22.68
C TYR A 146 -25.41 -23.18 -23.65
N LEU A 147 -26.12 -23.84 -24.55
CA LEU A 147 -27.01 -23.15 -25.49
C LEU A 147 -28.38 -23.03 -24.82
N ILE A 148 -28.89 -21.80 -24.69
CA ILE A 148 -30.09 -21.54 -23.90
C ILE A 148 -31.11 -20.82 -24.77
N GLN A 149 -32.34 -21.34 -24.79
CA GLN A 149 -33.43 -20.70 -25.53
C GLN A 149 -34.07 -19.64 -24.63
N ALA A 150 -33.29 -18.58 -24.41
CA ALA A 150 -33.76 -17.44 -23.63
C ALA A 150 -32.97 -16.22 -24.06
N SER A 151 -33.59 -15.05 -23.89
CA SER A 151 -32.89 -13.81 -24.18
C SER A 151 -31.60 -13.71 -23.36
N PRO A 152 -30.51 -13.20 -23.93
CA PRO A 152 -29.28 -13.06 -23.14
C PRO A 152 -29.46 -12.20 -21.92
N PHE A 153 -30.36 -11.24 -21.97
CA PHE A 153 -30.58 -10.38 -20.82
C PHE A 153 -31.38 -11.08 -19.73
N ARG A 154 -32.27 -12.04 -20.09
CA ARG A 154 -32.86 -12.87 -19.05
C ARG A 154 -31.82 -13.79 -18.42
N VAL A 155 -30.90 -14.35 -19.23
CA VAL A 155 -29.82 -15.17 -18.67
C VAL A 155 -29.03 -14.37 -17.64
N MET A 156 -28.67 -13.12 -17.97
CA MET A 156 -27.90 -12.36 -16.99
C MET A 156 -28.75 -11.94 -15.80
N ASP A 157 -30.03 -11.57 -16.03
CA ASP A 157 -30.93 -11.25 -14.93
C ASP A 157 -31.00 -12.38 -13.91
N ASN A 158 -31.10 -13.62 -14.39
CA ASN A 158 -31.13 -14.77 -13.51
C ASN A 158 -29.85 -14.88 -12.70
N SER A 159 -28.71 -14.48 -13.28
N SER A 159 -28.70 -14.48 -13.26
CA SER A 159 -27.45 -14.61 -12.58
CA SER A 159 -27.45 -14.62 -12.56
C SER A 159 -27.26 -13.54 -11.52
C SER A 159 -27.14 -13.46 -11.62
N ILE A 160 -27.90 -12.38 -11.69
CA ILE A 160 -27.81 -11.29 -10.73
C ILE A 160 -28.76 -11.53 -9.54
N ASP A 161 -29.86 -12.22 -9.79
CA ASP A 161 -30.85 -12.60 -8.78
C ASP A 161 -30.22 -13.50 -7.72
N VAL A 162 -30.34 -13.13 -6.44
CA VAL A 162 -29.84 -13.99 -5.35
C VAL A 162 -30.97 -14.61 -4.53
N SER A 163 -32.18 -14.08 -4.60
CA SER A 163 -33.23 -14.60 -3.72
C SER A 163 -33.74 -15.97 -4.13
N HIS A 164 -33.48 -16.42 -5.37
CA HIS A 164 -33.96 -17.73 -5.78
C HIS A 164 -33.08 -18.87 -5.27
N PHE A 165 -31.90 -18.58 -4.71
CA PHE A 165 -30.98 -19.64 -4.29
C PHE A 165 -31.62 -20.73 -3.43
N PRO A 166 -32.36 -20.42 -2.36
CA PRO A 166 -32.90 -21.50 -1.52
C PRO A 166 -33.94 -22.36 -2.22
N PHE A 167 -34.51 -21.91 -3.34
CA PHE A 167 -35.59 -22.64 -3.98
C PHE A 167 -35.17 -23.47 -5.18
N ILE A 168 -34.23 -23.02 -6.00
CA ILE A 168 -33.82 -23.89 -7.10
C ILE A 168 -32.37 -24.38 -6.98
N HIS A 169 -31.60 -23.90 -6.01
CA HIS A 169 -30.24 -24.36 -5.78
C HIS A 169 -30.05 -24.87 -4.35
N GLU A 170 -31.07 -25.48 -3.78
CA GLU A 170 -30.93 -25.98 -2.42
C GLU A 170 -29.79 -26.99 -2.33
N GLY A 171 -28.86 -26.77 -1.41
CA GLY A 171 -27.74 -27.68 -1.22
C GLY A 171 -26.41 -27.21 -1.80
N ILE A 172 -26.42 -26.25 -2.72
CA ILE A 172 -25.18 -25.67 -3.24
C ILE A 172 -25.10 -24.18 -2.94
N LEU A 173 -26.20 -23.45 -3.16
CA LEU A 173 -26.23 -22.01 -2.95
C LEU A 173 -27.28 -21.57 -1.97
N GLY A 174 -28.10 -22.48 -1.44
CA GLY A 174 -29.16 -22.02 -0.57
C GLY A 174 -29.65 -23.09 0.37
N ASP A 175 -30.45 -22.64 1.33
CA ASP A 175 -31.03 -23.48 2.37
C ASP A 175 -32.46 -23.03 2.60
N ARG A 176 -33.42 -23.94 2.42
CA ARG A 176 -34.82 -23.54 2.51
C ARG A 176 -35.23 -23.09 3.91
N ASN A 177 -34.42 -23.37 4.93
CA ASN A 177 -34.64 -22.80 6.25
C ASN A 177 -34.05 -21.40 6.40
N HIS A 178 -33.34 -20.93 5.38
CA HIS A 178 -32.70 -19.61 5.41
C HIS A 178 -33.02 -18.87 4.09
N ALA A 179 -34.31 -18.67 3.84
CA ALA A 179 -34.75 -18.01 2.61
C ALA A 179 -34.84 -16.50 2.73
N GLU A 180 -34.83 -15.95 3.95
N GLU A 180 -34.85 -15.95 3.95
CA GLU A 180 -34.83 -14.51 4.11
CA GLU A 180 -34.88 -14.49 4.06
C GLU A 180 -33.62 -13.91 3.42
C GLU A 180 -33.64 -13.90 3.43
N VAL A 181 -33.80 -12.74 2.81
CA VAL A 181 -32.73 -12.05 2.11
C VAL A 181 -32.45 -10.75 2.86
N GLU A 182 -31.21 -10.55 3.29
CA GLU A 182 -30.87 -9.33 3.99
C GLU A 182 -30.83 -8.15 3.03
N ASP A 183 -30.71 -6.95 3.58
CA ASP A 183 -30.66 -5.74 2.74
C ASP A 183 -29.50 -5.83 1.77
N LEU A 184 -29.77 -5.58 0.50
CA LEU A 184 -28.75 -5.69 -0.53
C LEU A 184 -28.16 -4.32 -0.84
N GLU A 185 -26.88 -4.32 -1.20
CA GLU A 185 -26.18 -3.10 -1.59
C GLU A 185 -25.87 -3.18 -3.09
N VAL A 186 -26.39 -2.24 -3.85
N VAL A 186 -26.43 -2.27 -3.87
CA VAL A 186 -26.25 -2.22 -5.31
CA VAL A 186 -26.20 -2.24 -5.31
C VAL A 186 -25.90 -0.81 -5.75
C VAL A 186 -25.87 -0.82 -5.73
N LYS A 187 -24.97 -0.70 -6.69
CA LYS A 187 -24.54 0.57 -7.23
C LYS A 187 -24.43 0.44 -8.74
N VAL A 188 -24.95 1.43 -9.47
CA VAL A 188 -24.75 1.52 -10.91
C VAL A 188 -23.99 2.82 -11.19
N ASP A 189 -22.77 2.69 -11.72
CA ASP A 189 -21.77 3.73 -12.00
C ASP A 189 -21.36 3.69 -13.47
N LYS A 190 -20.37 4.52 -13.82
CA LYS A 190 -19.70 4.22 -15.08
C LYS A 190 -18.78 3.00 -14.97
N ASP A 191 -18.51 2.52 -13.74
CA ASP A 191 -17.88 1.21 -13.57
C ASP A 191 -18.84 0.05 -13.83
N GLY A 192 -20.10 0.33 -14.12
CA GLY A 192 -21.09 -0.72 -14.33
C GLY A 192 -21.93 -1.00 -13.11
N LEU A 193 -22.46 -2.23 -13.01
CA LEU A 193 -23.33 -2.61 -11.91
C LEU A 193 -22.56 -3.45 -10.91
N THR A 194 -22.62 -3.06 -9.63
CA THR A 194 -21.87 -3.74 -8.57
C THR A 194 -22.81 -4.12 -7.44
N MET A 195 -22.77 -5.38 -7.03
N MET A 195 -22.80 -5.39 -7.05
CA MET A 195 -23.49 -5.85 -5.86
CA MET A 195 -23.49 -5.84 -5.85
C MET A 195 -22.50 -6.06 -4.73
C MET A 195 -22.49 -6.03 -4.73
N GLY A 196 -22.76 -5.42 -3.58
CA GLY A 196 -21.89 -5.54 -2.44
C GLY A 196 -21.96 -6.91 -1.80
N LYS A 197 -20.99 -7.18 -0.94
CA LYS A 197 -20.87 -8.49 -0.30
C LYS A 197 -22.16 -8.91 0.38
N TYR A 198 -22.46 -10.21 0.24
N TYR A 198 -22.55 -10.16 0.16
CA TYR A 198 -23.73 -10.83 0.60
CA TYR A 198 -23.70 -10.69 0.87
C TYR A 198 -23.47 -12.22 1.16
C TYR A 198 -23.42 -12.13 1.25
N GLN A 199 -24.15 -12.58 2.26
CA GLN A 199 -23.94 -13.90 2.86
C GLN A 199 -24.80 -14.97 2.15
N VAL A 200 -24.14 -16.01 1.66
CA VAL A 200 -24.80 -17.19 1.11
C VAL A 200 -24.80 -18.28 2.17
N HIS A 201 -25.82 -19.16 2.16
CA HIS A 201 -25.96 -20.12 3.25
C HIS A 201 -25.84 -21.59 2.87
N THR A 202 -26.08 -21.96 1.62
CA THR A 202 -25.89 -23.35 1.16
C THR A 202 -26.56 -24.39 2.06
N ASP A 212 -22.71 -24.22 5.97
CA ASP A 212 -21.64 -23.23 6.04
C ASP A 212 -22.09 -21.88 5.54
N SER A 213 -21.15 -20.94 5.42
CA SER A 213 -21.52 -19.55 5.10
C SER A 213 -20.42 -18.92 4.25
N MET A 214 -20.72 -18.70 2.99
CA MET A 214 -19.82 -18.00 2.07
C MET A 214 -20.25 -16.55 1.92
N VAL A 215 -19.32 -15.73 1.42
CA VAL A 215 -19.57 -14.32 1.15
C VAL A 215 -19.33 -14.09 -0.34
N ASN A 216 -20.31 -13.51 -1.02
CA ASN A 216 -20.28 -13.38 -2.47
C ASN A 216 -20.47 -11.91 -2.84
N TRP A 217 -19.81 -11.49 -3.93
CA TRP A 217 -20.11 -10.20 -4.55
C TRP A 217 -19.83 -10.31 -6.03
N PHE A 218 -20.31 -9.33 -6.80
CA PHE A 218 -20.05 -9.39 -8.23
C PHE A 218 -20.16 -8.00 -8.85
N ARG A 219 -19.60 -7.89 -10.05
CA ARG A 219 -19.65 -6.65 -10.82
C ARG A 219 -19.79 -6.97 -12.30
N LEU A 220 -20.65 -6.21 -12.97
CA LEU A 220 -20.77 -6.23 -14.42
C LEU A 220 -20.27 -4.89 -14.93
N SER A 221 -19.10 -4.90 -15.57
N SER A 221 -19.11 -4.89 -15.60
CA SER A 221 -18.62 -3.71 -16.27
CA SER A 221 -18.69 -3.64 -16.23
C SER A 221 -19.54 -3.36 -17.42
C SER A 221 -19.46 -3.35 -17.51
N HIS A 222 -20.03 -4.37 -18.14
CA HIS A 222 -20.94 -4.25 -19.26
C HIS A 222 -22.03 -5.31 -19.07
N PRO A 223 -23.17 -5.17 -19.75
CA PRO A 223 -24.37 -5.92 -19.34
C PRO A 223 -24.31 -7.43 -19.53
N LEU A 224 -23.39 -7.98 -20.33
CA LEU A 224 -23.44 -9.43 -20.58
C LEU A 224 -22.16 -10.13 -20.14
N CYS A 225 -21.40 -9.52 -19.24
CA CYS A 225 -20.23 -10.17 -18.67
C CYS A 225 -20.17 -9.83 -17.19
N GLN A 226 -20.05 -10.86 -16.36
CA GLN A 226 -20.14 -10.69 -14.90
C GLN A 226 -18.91 -11.29 -14.26
N TYR A 227 -18.28 -10.51 -13.38
CA TYR A 227 -17.16 -10.98 -12.57
C TYR A 227 -17.68 -11.29 -11.19
N CYS A 228 -17.49 -12.51 -10.73
CA CYS A 228 -18.11 -12.98 -9.49
C CYS A 228 -17.03 -13.49 -8.55
N SER A 229 -17.14 -13.15 -7.26
CA SER A 229 -16.13 -13.51 -6.27
C SER A 229 -16.82 -14.10 -5.05
N THR A 230 -16.36 -15.29 -4.61
CA THR A 230 -16.92 -15.97 -3.45
C THR A 230 -15.81 -16.40 -2.51
N GLU A 231 -15.93 -16.05 -1.22
CA GLU A 231 -14.95 -16.44 -0.22
C GLU A 231 -15.62 -17.43 0.73
N ALA A 232 -15.02 -18.61 0.85
CA ALA A 232 -15.50 -19.64 1.75
C ALA A 232 -14.57 -19.72 2.96
N SER A 233 -14.62 -20.84 3.68
CA SER A 233 -13.74 -21.03 4.82
C SER A 233 -12.28 -20.94 4.41
N GLU A 234 -11.83 -21.89 3.61
CA GLU A 234 -10.41 -22.01 3.28
C GLU A 234 -10.15 -21.84 1.79
N MET A 235 -10.91 -20.98 1.11
CA MET A 235 -10.73 -20.89 -0.34
C MET A 235 -11.51 -19.72 -0.92
N ARG A 236 -10.94 -19.08 -1.93
CA ARG A 236 -11.64 -18.07 -2.72
C ARG A 236 -11.83 -18.61 -4.14
N THR A 237 -13.05 -18.45 -4.67
CA THR A 237 -13.40 -18.84 -6.03
C THR A 237 -13.91 -17.63 -6.77
N VAL A 238 -13.35 -17.35 -7.94
CA VAL A 238 -13.85 -16.26 -8.77
C VAL A 238 -14.27 -16.83 -10.11
N ASP A 239 -15.09 -16.08 -10.83
CA ASP A 239 -15.29 -16.50 -12.20
C ASP A 239 -15.63 -15.31 -13.07
N LEU A 240 -15.46 -15.53 -14.36
CA LEU A 240 -15.93 -14.63 -15.39
C LEU A 240 -17.05 -15.34 -16.12
N MET A 241 -18.26 -14.80 -16.02
CA MET A 241 -19.42 -15.35 -16.69
C MET A 241 -19.66 -14.54 -17.95
N VAL A 242 -19.66 -15.20 -19.11
CA VAL A 242 -19.79 -14.50 -20.39
C VAL A 242 -21.00 -15.05 -21.13
N VAL A 243 -21.91 -14.18 -21.55
N VAL A 243 -21.91 -14.16 -21.49
CA VAL A 243 -23.08 -14.65 -22.27
CA VAL A 243 -23.08 -14.50 -22.29
C VAL A 243 -23.04 -14.11 -23.70
C VAL A 243 -22.78 -14.11 -23.73
N THR A 244 -23.03 -15.03 -24.65
CA THR A 244 -23.00 -14.70 -26.08
C THR A 244 -24.42 -14.39 -26.50
N PRO A 245 -24.72 -13.15 -26.90
CA PRO A 245 -26.07 -12.86 -27.37
C PRO A 245 -26.24 -13.32 -28.82
N ILE A 246 -26.69 -14.55 -29.01
CA ILE A 246 -26.90 -15.08 -30.36
C ILE A 246 -27.87 -14.19 -31.13
N ASP A 247 -29.00 -13.92 -30.50
CA ASP A 247 -29.99 -12.98 -31.06
C ASP A 247 -30.84 -12.45 -29.91
N GLU A 248 -32.02 -11.96 -30.20
CA GLU A 248 -32.81 -11.42 -29.10
C GLU A 248 -33.34 -12.51 -28.17
N ASP A 249 -33.41 -13.75 -28.64
CA ASP A 249 -34.16 -14.79 -27.95
C ASP A 249 -33.32 -16.00 -27.58
N ASN A 250 -32.01 -15.96 -27.82
CA ASN A 250 -31.16 -17.13 -27.66
C ASN A 250 -29.77 -16.71 -27.21
N SER A 251 -29.12 -17.59 -26.44
CA SER A 251 -27.87 -17.26 -25.76
C SER A 251 -26.93 -18.45 -25.70
N VAL A 252 -25.63 -18.17 -25.65
CA VAL A 252 -24.64 -19.15 -25.23
C VAL A 252 -24.09 -18.69 -23.90
N LEU A 253 -23.94 -19.61 -22.96
CA LEU A 253 -23.38 -19.31 -21.65
C LEU A 253 -22.07 -20.05 -21.44
N ARG A 254 -21.05 -19.35 -20.91
CA ARG A 254 -19.78 -19.99 -20.58
C ARG A 254 -19.22 -19.35 -19.31
N TYR A 255 -18.48 -20.13 -18.52
CA TYR A 255 -17.74 -19.60 -17.37
C TYR A 255 -16.27 -19.95 -17.43
N LEU A 256 -15.42 -18.97 -17.06
CA LEU A 256 -14.03 -19.24 -16.71
C LEU A 256 -13.93 -19.14 -15.20
N ILE A 257 -13.52 -20.22 -14.54
CA ILE A 257 -13.55 -20.32 -13.08
C ILE A 257 -12.12 -20.41 -12.58
N MET A 258 -11.79 -19.62 -11.55
CA MET A 258 -10.47 -19.70 -10.93
C MET A 258 -10.60 -19.82 -9.41
N TRP A 259 -9.72 -20.62 -8.81
CA TRP A 259 -9.81 -20.86 -7.37
C TRP A 259 -8.42 -21.08 -6.81
N ASN A 260 -8.24 -20.74 -5.53
CA ASN A 260 -6.90 -20.81 -4.93
C ASN A 260 -6.74 -21.95 -3.95
N GLY A 261 -7.66 -22.91 -3.97
CA GLY A 261 -7.55 -24.13 -3.19
C GLY A 261 -6.88 -25.21 -4.00
N SER A 262 -7.10 -26.46 -3.56
CA SER A 262 -6.41 -27.58 -4.18
C SER A 262 -6.82 -27.77 -5.63
N LYS A 263 -5.83 -28.10 -6.46
CA LYS A 263 -6.06 -28.42 -7.86
C LYS A 263 -7.03 -29.58 -8.00
N THR A 264 -7.06 -30.49 -7.02
CA THR A 264 -7.91 -31.67 -7.08
C THR A 264 -9.40 -31.35 -7.03
N LEU A 265 -9.77 -30.11 -6.70
CA LEU A 265 -11.18 -29.75 -6.58
C LEU A 265 -11.84 -29.51 -7.92
N GLU A 266 -11.08 -29.54 -9.03
CA GLU A 266 -11.59 -29.11 -10.33
C GLU A 266 -12.86 -29.86 -10.72
N SER A 267 -12.86 -31.19 -10.63
CA SER A 267 -14.03 -31.92 -11.12
C SER A 267 -15.26 -31.62 -10.27
N LYS A 268 -15.10 -31.42 -8.96
CA LYS A 268 -16.24 -31.10 -8.11
C LYS A 268 -16.76 -29.70 -8.39
N ILE A 269 -15.86 -28.75 -8.68
CA ILE A 269 -16.30 -27.40 -9.03
C ILE A 269 -17.14 -27.44 -10.30
N LEU A 270 -16.63 -28.11 -11.34
CA LEU A 270 -17.36 -28.19 -12.59
C LEU A 270 -18.71 -28.88 -12.41
N ALA A 271 -18.74 -29.91 -11.56
CA ALA A 271 -20.00 -30.61 -11.32
C ALA A 271 -21.00 -29.71 -10.61
N ASP A 272 -20.55 -28.94 -9.62
CA ASP A 272 -21.45 -28.04 -8.91
C ASP A 272 -21.97 -26.96 -9.85
N TYR A 273 -21.08 -26.37 -10.66
CA TYR A 273 -21.53 -25.38 -11.62
C TYR A 273 -22.55 -25.98 -12.58
N ASP A 274 -22.27 -27.18 -13.07
CA ASP A 274 -23.20 -27.79 -14.02
C ASP A 274 -24.57 -27.99 -13.37
N GLN A 275 -24.60 -28.44 -12.12
CA GLN A 275 -25.88 -28.65 -11.47
C GLN A 275 -26.66 -27.35 -11.33
N VAL A 276 -25.97 -26.29 -10.92
CA VAL A 276 -26.62 -25.00 -10.73
C VAL A 276 -27.10 -24.43 -12.07
N ILE A 277 -26.24 -24.50 -13.09
CA ILE A 277 -26.60 -23.97 -14.40
C ILE A 277 -27.85 -24.68 -14.94
N GLU A 278 -27.88 -26.01 -14.86
CA GLU A 278 -29.05 -26.70 -15.40
C GLU A 278 -30.31 -26.40 -14.61
N GLU A 279 -30.19 -26.19 -13.31
CA GLU A 279 -31.34 -25.74 -12.50
C GLU A 279 -31.84 -24.38 -12.98
N ASP A 280 -30.93 -23.46 -13.29
CA ASP A 280 -31.35 -22.16 -13.80
C ASP A 280 -31.93 -22.26 -15.20
N ILE A 281 -31.39 -23.14 -16.04
CA ILE A 281 -31.89 -23.24 -17.41
C ILE A 281 -33.35 -23.70 -17.41
N ARG A 282 -33.72 -24.58 -16.47
CA ARG A 282 -35.11 -25.01 -16.37
C ARG A 282 -36.05 -23.83 -16.19
N ILE A 283 -35.64 -22.86 -15.36
CA ILE A 283 -36.44 -21.66 -15.15
C ILE A 283 -36.38 -20.75 -16.37
N LEU A 284 -35.17 -20.51 -16.90
CA LEU A 284 -34.99 -19.57 -18.03
C LEU A 284 -35.84 -19.97 -19.24
N HIS A 285 -35.85 -21.27 -19.57
N HIS A 285 -35.85 -21.27 -19.57
CA HIS A 285 -36.60 -21.75 -20.74
CA HIS A 285 -36.60 -21.75 -20.74
C HIS A 285 -38.11 -21.54 -20.55
C HIS A 285 -38.11 -21.54 -20.55
N SER A 286 -38.57 -21.43 -19.30
CA SER A 286 -40.02 -21.30 -19.03
C SER A 286 -40.49 -19.86 -18.96
N GLN A 287 -39.58 -18.90 -18.84
CA GLN A 287 -40.02 -17.56 -18.54
C GLN A 287 -40.69 -16.93 -19.75
N GLN A 288 -41.78 -16.21 -19.48
CA GLN A 288 -42.51 -15.48 -20.53
C GLN A 288 -42.82 -14.09 -19.98
N PRO A 289 -42.65 -13.01 -20.76
CA PRO A 289 -42.15 -13.10 -22.13
C PRO A 289 -40.67 -13.47 -22.23
N THR A 290 -40.27 -13.96 -23.40
CA THR A 290 -38.86 -14.38 -23.61
C THR A 290 -37.92 -13.21 -23.33
N ARG A 291 -38.23 -12.05 -23.87
CA ARG A 291 -37.33 -10.92 -23.71
C ARG A 291 -37.52 -10.31 -22.32
N LEU A 292 -36.45 -9.71 -21.81
CA LEU A 292 -36.45 -9.20 -20.44
C LEU A 292 -37.29 -7.94 -20.36
N PRO A 293 -38.33 -7.87 -19.52
CA PRO A 293 -39.11 -6.64 -19.40
C PRO A 293 -38.34 -5.57 -18.62
N LEU A 294 -38.25 -4.37 -19.20
CA LEU A 294 -37.63 -3.27 -18.49
C LEU A 294 -38.67 -2.60 -17.58
N LEU A 295 -38.27 -1.54 -16.89
CA LEU A 295 -39.21 -0.93 -15.95
C LEU A 295 -40.15 0.00 -16.69
N SER A 296 -41.32 0.24 -16.08
CA SER A 296 -42.30 1.15 -16.65
C SER A 296 -43.35 1.54 -15.60
N GLY A 304 -46.68 -13.39 -20.79
CA GLY A 304 -47.83 -13.22 -19.92
C GLY A 304 -48.19 -11.76 -19.72
N LEU A 305 -49.46 -11.52 -19.39
CA LEU A 305 -49.97 -10.15 -19.45
C LEU A 305 -49.42 -9.26 -18.35
N PRO A 306 -49.60 -9.56 -17.05
CA PRO A 306 -49.36 -8.55 -16.02
C PRO A 306 -47.89 -8.14 -15.95
N GLN A 307 -47.67 -6.89 -15.56
CA GLN A 307 -46.31 -6.36 -15.42
C GLN A 307 -45.61 -6.99 -14.22
N GLU A 308 -44.28 -6.94 -14.23
CA GLU A 308 -43.50 -7.55 -13.17
C GLU A 308 -43.72 -6.83 -11.85
N ILE A 309 -43.67 -7.59 -10.78
CA ILE A 309 -43.73 -7.06 -9.41
C ILE A 309 -42.33 -7.08 -8.84
N HIS A 310 -41.97 -6.06 -8.05
CA HIS A 310 -40.64 -6.01 -7.46
C HIS A 310 -40.74 -5.83 -5.95
N VAL A 311 -39.94 -6.59 -5.21
CA VAL A 311 -39.85 -6.49 -3.75
C VAL A 311 -38.42 -6.08 -3.39
N PRO A 312 -38.10 -5.81 -2.11
CA PRO A 312 -36.76 -5.25 -1.82
C PRO A 312 -35.60 -6.16 -2.20
N SER A 313 -35.76 -7.49 -2.12
CA SER A 313 -34.69 -8.40 -2.49
C SER A 313 -34.44 -8.41 -4.00
N ASP A 314 -35.29 -7.74 -4.77
CA ASP A 314 -35.09 -7.56 -6.19
C ASP A 314 -34.24 -6.34 -6.51
N ARG A 315 -33.61 -5.73 -5.50
CA ARG A 315 -32.95 -4.45 -5.71
C ARG A 315 -31.94 -4.49 -6.85
N CYS A 316 -31.17 -5.58 -6.94
N CYS A 316 -31.18 -5.58 -6.95
CA CYS A 316 -30.13 -5.66 -7.97
CA CYS A 316 -30.13 -5.67 -7.96
C CYS A 316 -30.74 -5.91 -9.35
C CYS A 316 -30.68 -5.99 -9.34
N THR A 317 -31.75 -6.77 -9.44
CA THR A 317 -32.33 -7.03 -10.75
C THR A 317 -33.15 -5.83 -11.24
N VAL A 318 -33.72 -5.06 -10.31
CA VAL A 318 -34.35 -3.81 -10.70
C VAL A 318 -33.30 -2.83 -11.23
N ALA A 319 -32.14 -2.75 -10.55
CA ALA A 319 -31.05 -1.87 -11.00
C ALA A 319 -30.55 -2.29 -12.38
N TYR A 320 -30.49 -3.59 -12.64
CA TYR A 320 -30.07 -4.09 -13.95
C TYR A 320 -31.02 -3.61 -15.04
N ARG A 321 -32.33 -3.75 -14.81
CA ARG A 321 -33.31 -3.26 -15.78
C ARG A 321 -33.17 -1.76 -15.99
N ARG A 322 -32.98 -1.02 -14.89
N ARG A 322 -32.98 -1.02 -14.89
CA ARG A 322 -32.82 0.43 -14.99
CA ARG A 322 -32.82 0.43 -14.98
C ARG A 322 -31.58 0.78 -15.81
C ARG A 322 -31.59 0.78 -15.80
N TRP A 323 -30.49 0.06 -15.59
CA TRP A 323 -29.26 0.28 -16.33
C TRP A 323 -29.44 0.03 -17.83
N LEU A 324 -30.06 -1.09 -18.18
CA LEU A 324 -30.30 -1.36 -19.60
C LEU A 324 -31.11 -0.24 -20.25
N LYS A 325 -32.11 0.27 -19.55
CA LYS A 325 -32.91 1.34 -20.14
C LYS A 325 -32.07 2.61 -20.28
N GLU A 326 -31.27 2.92 -19.26
CA GLU A 326 -30.38 4.08 -19.33
C GLU A 326 -29.40 3.97 -20.51
N LEU A 327 -28.88 2.75 -20.75
CA LEU A 327 -27.95 2.51 -21.85
C LEU A 327 -28.60 2.57 -23.22
N GLY A 328 -29.93 2.49 -23.29
CA GLY A 328 -30.62 2.48 -24.55
C GLY A 328 -30.77 1.12 -25.18
N VAL A 329 -30.73 0.05 -24.39
CA VAL A 329 -30.90 -1.30 -24.94
C VAL A 329 -32.36 -1.50 -25.32
N THR A 330 -32.59 -1.89 -26.56
CA THR A 330 -33.91 -2.26 -27.04
C THR A 330 -33.95 -3.67 -27.62
N TYR A 331 -32.80 -4.29 -27.80
CA TYR A 331 -32.64 -5.60 -28.42
C TYR A 331 -32.59 -6.65 -27.31
N GLY A 332 -33.45 -7.67 -27.40
CA GLY A 332 -33.49 -8.70 -26.37
C GLY A 332 -34.28 -8.34 -25.14
N VAL A 333 -34.93 -7.17 -25.14
CA VAL A 333 -35.69 -6.68 -24.00
C VAL A 333 -37.07 -6.28 -24.50
N CYS A 334 -37.96 -6.05 -23.55
CA CYS A 334 -39.30 -5.55 -23.82
C CYS A 334 -39.76 -4.83 -22.56
N MET B 1 -15.93 28.08 12.62
CA MET B 1 -15.49 28.06 14.01
C MET B 1 -14.01 28.37 14.11
N THR B 2 -13.54 29.31 13.28
CA THR B 2 -12.12 29.52 13.09
C THR B 2 -11.80 31.00 12.97
N THR B 3 -10.71 31.42 13.61
CA THR B 3 -10.19 32.77 13.47
C THR B 3 -9.15 32.88 12.36
N ALA B 4 -8.98 31.84 11.54
CA ALA B 4 -7.98 31.89 10.48
C ALA B 4 -8.39 32.90 9.40
N ASP B 5 -7.37 33.45 8.74
CA ASP B 5 -7.60 34.38 7.64
C ASP B 5 -8.35 33.70 6.50
N LEU B 6 -9.13 34.49 5.77
N LEU B 6 -9.13 34.48 5.76
CA LEU B 6 -9.89 33.96 4.65
CA LEU B 6 -9.89 33.91 4.66
C LEU B 6 -8.98 33.34 3.60
C LEU B 6 -8.97 33.32 3.59
N ILE B 7 -7.79 33.90 3.40
CA ILE B 7 -6.83 33.35 2.44
C ILE B 7 -6.42 31.92 2.83
N LEU B 8 -6.40 31.61 4.14
CA LEU B 8 -6.12 30.24 4.56
C LEU B 8 -7.38 29.36 4.50
N ILE B 9 -8.53 29.93 4.84
CA ILE B 9 -9.75 29.13 4.90
C ILE B 9 -10.13 28.62 3.52
N ASN B 10 -9.89 29.41 2.48
CA ASN B 10 -10.29 29.04 1.13
C ASN B 10 -9.23 28.24 0.39
N ASN B 11 -8.26 27.67 1.10
CA ASN B 11 -7.22 26.84 0.51
C ASN B 11 -7.45 25.37 0.88
N TRP B 12 -6.83 24.49 0.09
CA TRP B 12 -6.89 23.05 0.30
C TRP B 12 -5.76 22.60 1.22
N TYR B 13 -6.09 21.71 2.17
CA TYR B 13 -5.07 21.10 3.03
C TYR B 13 -5.31 19.61 3.13
N VAL B 14 -4.22 18.86 3.25
CA VAL B 14 -4.28 17.43 3.54
C VAL B 14 -4.60 17.23 5.01
N VAL B 15 -5.58 16.36 5.31
CA VAL B 15 -5.90 16.03 6.69
C VAL B 15 -5.77 14.55 6.98
N ALA B 16 -5.53 13.71 5.99
CA ALA B 16 -5.37 12.28 6.23
C ALA B 16 -4.79 11.66 4.97
N LYS B 17 -4.28 10.43 5.10
CA LYS B 17 -4.00 9.60 3.94
C LYS B 17 -5.22 8.73 3.64
N VAL B 18 -5.47 8.48 2.35
CA VAL B 18 -6.62 7.68 1.96
C VAL B 18 -6.52 6.29 2.57
N GLU B 19 -5.31 5.77 2.72
CA GLU B 19 -5.14 4.43 3.27
C GLU B 19 -5.56 4.34 4.73
N ASP B 20 -5.68 5.47 5.43
CA ASP B 20 -6.15 5.45 6.81
C ASP B 20 -7.65 5.67 6.93
N CYS B 21 -8.37 5.70 5.81
CA CYS B 21 -9.82 5.87 5.78
C CYS B 21 -10.39 4.68 5.02
N ARG B 22 -10.52 3.56 5.72
CA ARG B 22 -11.09 2.38 5.10
C ARG B 22 -12.60 2.50 5.03
N PRO B 23 -13.24 1.78 4.12
CA PRO B 23 -14.70 1.73 4.12
C PRO B 23 -15.24 1.36 5.50
N GLY B 24 -16.28 2.08 5.91
CA GLY B 24 -16.88 1.89 7.22
C GLY B 24 -16.18 2.57 8.37
N SER B 25 -15.04 3.24 8.14
CA SER B 25 -14.25 3.79 9.22
C SER B 25 -14.76 5.16 9.64
N ILE B 26 -14.51 5.50 10.89
CA ILE B 26 -14.65 6.85 11.41
C ILE B 26 -13.30 7.29 11.94
N THR B 27 -12.80 8.42 11.45
CA THR B 27 -11.55 8.98 11.95
C THR B 27 -11.76 10.46 12.22
N THR B 28 -10.81 11.06 12.93
CA THR B 28 -10.89 12.46 13.27
C THR B 28 -9.68 13.20 12.73
N ALA B 29 -9.84 14.51 12.59
CA ALA B 29 -8.73 15.39 12.26
C ALA B 29 -9.06 16.76 12.82
N HIS B 30 -8.10 17.68 12.68
N HIS B 30 -8.08 17.67 12.72
CA HIS B 30 -8.25 19.04 13.20
CA HIS B 30 -8.23 19.04 13.18
C HIS B 30 -7.59 20.00 12.23
C HIS B 30 -7.61 19.95 12.15
N LEU B 31 -8.32 21.03 11.81
CA LEU B 31 -7.86 21.92 10.76
C LEU B 31 -8.28 23.34 11.10
N LEU B 32 -7.29 24.24 11.21
CA LEU B 32 -7.56 25.66 11.45
C LEU B 32 -8.51 25.86 12.63
N GLY B 33 -8.33 25.04 13.66
CA GLY B 33 -9.13 25.17 14.86
C GLY B 33 -10.44 24.43 14.85
N VAL B 34 -10.78 23.75 13.77
CA VAL B 34 -12.06 23.06 13.61
C VAL B 34 -11.84 21.56 13.79
N LYS B 35 -12.70 20.93 14.60
CA LYS B 35 -12.66 19.48 14.75
C LYS B 35 -13.44 18.84 13.61
N LEU B 36 -12.82 17.86 12.95
CA LEU B 36 -13.39 17.21 11.78
C LEU B 36 -13.66 15.75 12.07
N VAL B 37 -14.72 15.22 11.44
CA VAL B 37 -14.95 13.79 11.38
C VAL B 37 -14.89 13.36 9.92
N LEU B 38 -14.20 12.26 9.66
CA LEU B 38 -14.06 11.67 8.33
C LEU B 38 -14.69 10.30 8.38
N TRP B 39 -15.63 10.03 7.49
CA TRP B 39 -16.28 8.73 7.47
C TRP B 39 -16.61 8.29 6.06
N ARG B 40 -16.73 6.96 5.90
CA ARG B 40 -17.11 6.32 4.66
C ARG B 40 -18.08 5.19 4.95
N SER B 41 -18.98 4.92 3.99
N SER B 41 -18.98 4.92 4.00
CA SER B 41 -19.81 3.74 4.02
CA SER B 41 -19.83 3.75 4.11
C SER B 41 -18.97 2.47 3.93
C SER B 41 -19.02 2.47 3.87
N HIS B 42 -19.58 1.35 4.29
CA HIS B 42 -18.92 0.05 4.16
C HIS B 42 -18.79 -0.41 2.72
N GLU B 43 -19.41 0.29 1.77
CA GLU B 43 -19.36 -0.11 0.37
C GLU B 43 -17.94 0.02 -0.19
N GLN B 44 -17.71 -0.76 -1.24
CA GLN B 44 -16.45 -0.67 -1.98
C GLN B 44 -16.36 0.67 -2.70
N ASN B 45 -15.21 1.34 -2.59
CA ASN B 45 -14.96 2.61 -3.24
C ASN B 45 -15.99 3.68 -2.86
N SER B 46 -16.45 3.66 -1.61
CA SER B 46 -17.35 4.70 -1.15
C SER B 46 -16.59 6.03 -1.02
N PRO B 47 -17.27 7.15 -1.20
CA PRO B 47 -16.61 8.45 -1.00
C PRO B 47 -16.36 8.73 0.47
N ILE B 48 -15.47 9.69 0.70
CA ILE B 48 -15.10 10.15 2.05
C ILE B 48 -15.86 11.43 2.35
N GLN B 49 -16.62 11.43 3.44
CA GLN B 49 -17.27 12.63 3.95
C GLN B 49 -16.37 13.25 5.01
N VAL B 50 -16.24 14.57 4.98
CA VAL B 50 -15.49 15.32 5.98
C VAL B 50 -16.41 16.42 6.51
N TRP B 51 -16.79 16.31 7.79
CA TRP B 51 -17.74 17.19 8.40
C TRP B 51 -17.16 17.78 9.68
N GLN B 52 -17.76 18.89 10.14
CA GLN B 52 -17.48 19.30 11.50
C GLN B 52 -17.97 18.21 12.46
N ASP B 53 -17.16 17.92 13.48
CA ASP B 53 -17.40 16.76 14.35
C ASP B 53 -18.36 17.19 15.45
N TYR B 54 -19.63 17.34 15.07
N TYR B 54 -19.64 17.32 15.08
CA TYR B 54 -20.60 18.00 15.94
CA TYR B 54 -20.61 17.99 15.96
C TYR B 54 -22.02 17.62 15.52
C TYR B 54 -22.01 17.63 15.53
N CYS B 55 -22.80 17.06 16.45
CA CYS B 55 -24.21 16.81 16.21
C CYS B 55 -25.01 18.02 16.70
N PRO B 56 -25.75 18.71 15.83
CA PRO B 56 -26.39 19.96 16.24
C PRO B 56 -27.60 19.77 17.16
N HIS B 57 -27.99 18.53 17.48
CA HIS B 57 -29.07 18.34 18.45
C HIS B 57 -28.63 18.72 19.87
N ARG B 58 -27.69 17.96 20.45
CA ARG B 58 -27.21 18.27 21.79
C ARG B 58 -25.68 18.30 21.86
N GLY B 59 -25.01 18.47 20.73
CA GLY B 59 -23.61 18.84 20.73
C GLY B 59 -22.63 17.73 21.01
N VAL B 60 -23.00 16.48 20.74
CA VAL B 60 -22.09 15.34 20.88
C VAL B 60 -21.24 15.22 19.61
N PRO B 61 -19.98 14.80 19.69
CA PRO B 61 -19.21 14.52 18.48
C PRO B 61 -19.79 13.35 17.70
N LEU B 62 -20.05 13.58 16.42
CA LEU B 62 -20.51 12.51 15.54
C LEU B 62 -19.47 11.40 15.42
N SER B 63 -18.19 11.73 15.62
CA SER B 63 -17.14 10.72 15.58
C SER B 63 -17.30 9.65 16.66
N MET B 64 -18.16 9.87 17.67
CA MET B 64 -18.44 8.84 18.65
C MET B 64 -19.57 7.91 18.23
N GLY B 65 -20.07 8.06 17.01
CA GLY B 65 -21.19 7.30 16.50
C GLY B 65 -20.75 6.06 15.72
N GLU B 66 -21.58 5.66 14.76
N GLU B 66 -21.60 5.64 14.78
CA GLU B 66 -21.25 4.49 13.96
CA GLU B 66 -21.32 4.45 13.98
C GLU B 66 -21.80 4.67 12.55
C GLU B 66 -21.83 4.66 12.55
N VAL B 67 -21.14 4.04 11.60
CA VAL B 67 -21.58 4.04 10.21
C VAL B 67 -22.52 2.88 10.03
N ALA B 68 -23.69 3.15 9.46
CA ALA B 68 -24.69 2.13 9.17
C ALA B 68 -25.53 2.57 7.99
N ASN B 69 -25.63 1.68 6.99
CA ASN B 69 -26.52 1.87 5.84
C ASN B 69 -26.25 3.20 5.13
N ASN B 70 -24.97 3.50 4.93
CA ASN B 70 -24.56 4.73 4.24
C ASN B 70 -25.00 5.98 4.99
N THR B 71 -25.15 5.87 6.31
CA THR B 71 -25.41 7.01 7.17
C THR B 71 -24.44 6.98 8.34
N LEU B 72 -24.20 8.16 8.91
CA LEU B 72 -23.48 8.29 10.17
C LEU B 72 -24.51 8.54 11.27
N VAL B 73 -24.46 7.74 12.34
CA VAL B 73 -25.50 7.71 13.38
C VAL B 73 -24.94 8.27 14.68
N CYS B 74 -25.59 9.29 15.20
CA CYS B 74 -25.12 9.90 16.43
C CYS B 74 -25.40 8.99 17.62
N PRO B 75 -24.45 8.84 18.55
CA PRO B 75 -24.63 7.85 19.63
C PRO B 75 -25.69 8.25 20.67
N TYR B 76 -26.02 9.54 20.79
CA TYR B 76 -26.80 10.01 21.94
C TYR B 76 -28.29 9.75 21.76
N HIS B 77 -28.89 10.22 20.66
CA HIS B 77 -30.30 9.94 20.37
C HIS B 77 -30.50 9.28 19.00
N GLY B 78 -29.44 8.79 18.38
CA GLY B 78 -29.57 7.98 17.18
C GLY B 78 -29.96 8.70 15.91
N TRP B 79 -29.85 10.02 15.87
CA TRP B 79 -30.16 10.72 14.62
C TRP B 79 -29.22 10.23 13.52
N ARG B 80 -29.77 9.95 12.35
CA ARG B 80 -29.03 9.36 11.23
C ARG B 80 -28.82 10.41 10.15
N TYR B 81 -27.57 10.59 9.71
CA TYR B 81 -27.21 11.60 8.72
C TYR B 81 -26.71 10.94 7.44
N ASN B 82 -27.27 11.32 6.29
CA ASN B 82 -26.88 10.69 5.04
C ASN B 82 -25.54 11.26 4.55
N GLN B 83 -25.09 10.82 3.36
CA GLN B 83 -23.77 11.24 2.90
C GLN B 83 -23.70 12.72 2.58
N ALA B 84 -24.84 13.37 2.34
CA ALA B 84 -24.87 14.81 2.18
C ALA B 84 -24.95 15.56 3.51
N GLY B 85 -25.02 14.85 4.63
CA GLY B 85 -25.09 15.49 5.93
C GLY B 85 -26.50 15.84 6.37
N LYS B 86 -27.50 15.44 5.60
CA LYS B 86 -28.88 15.68 5.96
C LYS B 86 -29.35 14.61 6.93
N CYS B 87 -30.00 15.02 8.02
CA CYS B 87 -30.60 14.05 8.91
C CYS B 87 -31.82 13.44 8.22
N VAL B 88 -31.83 12.12 8.10
CA VAL B 88 -32.92 11.42 7.43
C VAL B 88 -33.76 10.59 8.38
N GLN B 89 -33.38 10.47 9.65
CA GLN B 89 -34.10 9.64 10.60
C GLN B 89 -33.91 10.18 12.01
N ILE B 90 -35.02 10.50 12.69
CA ILE B 90 -35.01 10.81 14.11
C ILE B 90 -35.78 9.71 14.83
N PRO B 91 -35.08 8.78 15.48
CA PRO B 91 -35.76 7.57 15.98
C PRO B 91 -36.86 7.82 17.00
N ALA B 92 -36.78 8.90 17.78
CA ALA B 92 -37.86 9.17 18.74
C ALA B 92 -39.18 9.46 18.03
N HIS B 93 -39.12 9.99 16.80
CA HIS B 93 -40.28 10.39 16.03
C HIS B 93 -40.16 9.83 14.62
N PRO B 94 -40.36 8.51 14.47
CA PRO B 94 -39.95 7.84 13.23
C PRO B 94 -40.70 8.28 11.99
N ASP B 95 -41.90 8.83 12.12
CA ASP B 95 -42.67 9.28 10.97
C ASP B 95 -42.52 10.78 10.72
N MET B 96 -41.74 11.47 11.55
CA MET B 96 -41.56 12.92 11.41
C MET B 96 -40.43 13.22 10.42
N VAL B 97 -40.63 14.26 9.62
CA VAL B 97 -39.62 14.79 8.71
C VAL B 97 -38.68 15.66 9.53
N PRO B 98 -37.38 15.39 9.56
CA PRO B 98 -36.48 16.21 10.37
C PRO B 98 -36.51 17.66 9.94
N PRO B 99 -36.42 18.60 10.88
CA PRO B 99 -36.33 20.01 10.51
C PRO B 99 -35.14 20.25 9.60
N ALA B 100 -35.23 21.32 8.80
CA ALA B 100 -34.14 21.64 7.88
C ALA B 100 -32.84 21.90 8.63
N SER B 101 -32.94 22.39 9.86
CA SER B 101 -31.76 22.66 10.68
C SER B 101 -30.99 21.39 11.03
N ALA B 102 -31.61 20.21 10.92
CA ALA B 102 -30.97 18.95 11.31
C ALA B 102 -30.05 18.53 10.16
N GLN B 103 -28.86 19.11 10.17
CA GLN B 103 -27.93 19.02 9.06
C GLN B 103 -26.53 19.18 9.62
N ALA B 104 -25.64 18.26 9.28
CA ALA B 104 -24.25 18.41 9.68
C ALA B 104 -23.58 19.47 8.81
N LYS B 105 -22.57 20.13 9.38
CA LYS B 105 -21.79 21.11 8.64
C LYS B 105 -20.75 20.33 7.82
N THR B 106 -20.87 20.39 6.49
CA THR B 106 -20.01 19.63 5.59
C THR B 106 -18.97 20.52 4.93
N TYR B 107 -17.86 19.91 4.54
CA TYR B 107 -16.76 20.63 3.92
C TYR B 107 -16.39 19.96 2.61
N HIS B 108 -15.76 20.73 1.73
CA HIS B 108 -15.28 20.19 0.47
C HIS B 108 -14.14 19.22 0.72
N CYS B 109 -14.22 18.06 0.10
N CYS B 109 -14.16 18.09 0.03
CA CYS B 109 -13.23 17.01 0.23
CA CYS B 109 -13.02 17.20 0.09
C CYS B 109 -12.90 16.43 -1.14
C CYS B 109 -12.81 16.52 -1.25
N GLN B 110 -11.63 16.14 -1.37
N GLN B 110 -11.54 16.29 -1.58
CA GLN B 110 -11.19 15.50 -2.59
CA GLN B 110 -11.15 15.52 -2.77
C GLN B 110 -10.07 14.52 -2.26
C GLN B 110 -10.03 14.58 -2.39
N GLU B 111 -10.09 13.36 -2.92
CA GLU B 111 -8.98 12.43 -2.85
C GLU B 111 -8.06 12.69 -4.04
N ARG B 112 -6.78 12.94 -3.77
CA ARG B 112 -5.80 13.13 -4.84
C ARG B 112 -4.43 12.69 -4.34
N TYR B 113 -3.74 11.89 -5.16
CA TYR B 113 -2.39 11.39 -4.83
C TYR B 113 -2.43 10.48 -3.60
N GLY B 114 -3.58 9.86 -3.32
CA GLY B 114 -3.73 9.02 -2.15
C GLY B 114 -3.85 9.78 -0.85
N LEU B 115 -4.10 11.08 -0.92
CA LEU B 115 -4.24 11.94 0.23
C LEU B 115 -5.65 12.51 0.24
N VAL B 116 -6.15 12.83 1.44
CA VAL B 116 -7.47 13.42 1.61
C VAL B 116 -7.29 14.92 1.76
N TRP B 117 -7.76 15.69 0.77
CA TRP B 117 -7.66 17.14 0.81
C TRP B 117 -8.99 17.75 1.24
N VAL B 118 -8.93 18.78 2.08
CA VAL B 118 -10.13 19.44 2.59
C VAL B 118 -9.99 20.95 2.42
N CYS B 119 -11.10 21.60 2.08
CA CYS B 119 -11.21 23.05 2.09
C CYS B 119 -12.39 23.41 2.97
N LEU B 120 -12.13 24.17 4.03
CA LEU B 120 -13.17 24.59 4.94
C LEU B 120 -14.02 25.71 4.37
N GLY B 121 -13.56 26.36 3.31
CA GLY B 121 -14.25 27.50 2.76
C GLY B 121 -14.74 27.26 1.36
N ASN B 122 -14.52 28.23 0.48
CA ASN B 122 -14.86 28.08 -0.93
C ASN B 122 -13.58 28.07 -1.75
N PRO B 123 -13.19 26.92 -2.29
CA PRO B 123 -11.85 26.78 -2.88
C PRO B 123 -11.67 27.66 -4.10
N VAL B 124 -10.65 28.51 -4.05
CA VAL B 124 -10.31 29.38 -5.17
C VAL B 124 -9.21 28.79 -6.04
N ASN B 125 -8.45 27.83 -5.52
CA ASN B 125 -7.35 27.23 -6.26
C ASN B 125 -7.62 25.75 -6.48
N ASP B 126 -6.92 25.18 -7.45
CA ASP B 126 -6.93 23.74 -7.57
C ASP B 126 -5.95 23.13 -6.57
N ILE B 127 -6.11 21.84 -6.34
CA ILE B 127 -5.12 21.10 -5.55
C ILE B 127 -3.77 21.14 -6.28
N PRO B 128 -2.63 21.24 -5.59
CA PRO B 128 -1.36 21.38 -6.29
C PRO B 128 -1.10 20.23 -7.24
N SER B 129 -0.36 20.51 -8.30
CA SER B 129 -0.01 19.45 -9.25
C SER B 129 1.16 18.63 -8.72
N PHE B 130 1.27 17.41 -9.22
CA PHE B 130 2.34 16.49 -8.81
C PHE B 130 2.61 15.61 -10.03
N PRO B 131 3.41 16.11 -10.97
CA PRO B 131 3.45 15.49 -12.31
C PRO B 131 3.92 14.05 -12.31
N GLU B 132 4.84 13.68 -11.41
CA GLU B 132 5.33 12.30 -11.43
C GLU B 132 4.27 11.28 -11.02
N TRP B 133 3.12 11.73 -10.47
CA TRP B 133 2.08 10.80 -10.03
C TRP B 133 1.70 9.81 -11.13
N ASP B 134 1.58 10.30 -12.36
CA ASP B 134 1.14 9.51 -13.50
C ASP B 134 2.27 8.71 -14.16
N ASP B 135 3.53 8.95 -13.79
CA ASP B 135 4.68 8.40 -14.50
C ASP B 135 4.99 6.99 -14.00
N PRO B 136 4.83 5.97 -14.86
CA PRO B 136 5.08 4.59 -14.41
C PRO B 136 6.53 4.27 -14.10
N ASN B 137 7.48 5.14 -14.46
CA ASN B 137 8.86 4.92 -14.07
C ASN B 137 9.14 5.32 -12.63
N TYR B 138 8.18 5.89 -11.92
CA TYR B 138 8.38 6.31 -10.55
C TYR B 138 7.60 5.39 -9.61
N HIS B 139 8.27 4.95 -8.55
CA HIS B 139 7.66 4.28 -7.40
C HIS B 139 7.13 5.32 -6.43
N LYS B 140 6.20 4.91 -5.57
CA LYS B 140 5.70 5.84 -4.55
C LYS B 140 5.76 5.21 -3.16
N THR B 141 5.91 6.09 -2.17
CA THR B 141 5.81 5.71 -0.76
C THR B 141 5.29 6.92 0.02
N TYR B 142 4.87 6.65 1.25
CA TYR B 142 4.30 7.68 2.14
C TYR B 142 4.99 7.60 3.50
N THR B 143 5.37 8.74 4.05
CA THR B 143 5.81 8.73 5.43
C THR B 143 4.59 8.55 6.36
N LYS B 144 4.89 8.33 7.62
CA LYS B 144 3.78 8.33 8.59
C LYS B 144 3.49 9.81 8.85
N SER B 145 2.47 10.08 9.67
N SER B 145 2.47 10.08 9.67
CA SER B 145 2.17 11.48 10.04
CA SER B 145 2.16 11.48 10.05
C SER B 145 3.04 11.88 11.22
C SER B 145 3.07 11.88 11.21
N TYR B 146 3.43 13.15 11.28
CA TYR B 146 4.23 13.65 12.41
C TYR B 146 3.51 14.81 13.07
N LEU B 147 3.11 14.64 14.32
CA LEU B 147 2.48 15.71 15.10
C LEU B 147 3.59 16.58 15.68
N ILE B 148 3.56 17.88 15.39
CA ILE B 148 4.65 18.79 15.77
C ILE B 148 4.06 19.95 16.55
N GLN B 149 4.60 20.20 17.75
CA GLN B 149 4.20 21.36 18.54
C GLN B 149 4.96 22.59 18.06
N ALA B 150 4.60 23.03 16.86
CA ALA B 150 5.13 24.27 16.30
C ALA B 150 4.14 24.79 15.27
N SER B 151 4.19 26.10 15.05
CA SER B 151 3.33 26.72 14.06
C SER B 151 3.53 26.05 12.70
N PRO B 152 2.47 25.84 11.92
CA PRO B 152 2.68 25.26 10.59
C PRO B 152 3.58 26.13 9.71
N PHE B 153 3.63 27.44 9.95
CA PHE B 153 4.50 28.29 9.15
C PHE B 153 5.96 28.19 9.59
N ARG B 154 6.21 27.88 10.87
CA ARG B 154 7.59 27.56 11.26
C ARG B 154 8.01 26.20 10.68
N VAL B 155 7.11 25.22 10.67
CA VAL B 155 7.43 23.94 10.05
C VAL B 155 7.83 24.16 8.58
N MET B 156 7.04 24.94 7.84
CA MET B 156 7.40 25.14 6.43
C MET B 156 8.68 25.99 6.29
N ASP B 157 8.86 26.99 7.14
CA ASP B 157 10.09 27.79 7.15
C ASP B 157 11.32 26.89 7.30
N ASN B 158 11.25 25.93 8.22
CA ASN B 158 12.37 25.03 8.44
C ASN B 158 12.65 24.16 7.21
N SER B 159 11.61 23.86 6.41
N SER B 159 11.63 23.83 6.43
CA SER B 159 11.77 23.06 5.21
CA SER B 159 11.87 23.05 5.23
C SER B 159 12.27 23.87 4.02
C SER B 159 12.41 23.89 4.07
N ILE B 160 12.16 25.20 4.09
CA ILE B 160 12.70 26.07 3.03
C ILE B 160 14.17 26.42 3.32
N ASP B 161 14.55 26.44 4.59
CA ASP B 161 15.92 26.69 5.04
C ASP B 161 16.86 25.58 4.54
N VAL B 162 17.92 25.95 3.81
CA VAL B 162 18.92 24.97 3.37
C VAL B 162 20.24 25.09 4.11
N SER B 163 20.53 26.23 4.74
CA SER B 163 21.85 26.38 5.32
C SER B 163 22.03 25.59 6.61
N HIS B 164 20.95 25.06 7.19
CA HIS B 164 21.11 24.23 8.39
C HIS B 164 21.50 22.79 8.06
N PHE B 165 21.44 22.38 6.78
CA PHE B 165 21.74 21.00 6.45
C PHE B 165 23.05 20.48 7.02
N PRO B 166 24.18 21.19 6.92
CA PRO B 166 25.45 20.60 7.40
C PRO B 166 25.49 20.44 8.90
N PHE B 167 24.60 21.10 9.63
CA PHE B 167 24.69 21.11 11.08
C PHE B 167 23.70 20.19 11.78
N ILE B 168 22.45 20.08 11.34
CA ILE B 168 21.56 19.15 12.00
C ILE B 168 21.24 17.92 11.17
N HIS B 169 21.60 17.89 9.87
CA HIS B 169 21.37 16.72 9.02
C HIS B 169 22.69 16.13 8.52
N GLU B 170 23.76 16.29 9.29
CA GLU B 170 25.07 15.85 8.84
C GLU B 170 25.04 14.36 8.51
N GLY B 171 25.56 13.99 7.33
CA GLY B 171 25.56 12.62 6.90
C GLY B 171 24.39 12.19 6.04
N ILE B 172 23.32 13.00 5.95
CA ILE B 172 22.25 12.76 4.99
C ILE B 172 22.15 13.90 3.97
N LEU B 173 22.12 15.14 4.43
CA LEU B 173 21.97 16.30 3.55
C LEU B 173 23.15 17.27 3.61
N GLY B 174 24.27 16.86 4.19
CA GLY B 174 25.43 17.74 4.23
C GLY B 174 26.45 17.24 5.23
N ASP B 175 27.46 18.06 5.44
CA ASP B 175 28.48 17.80 6.48
C ASP B 175 29.17 19.11 6.82
N ARG B 176 29.74 19.16 8.01
CA ARG B 176 30.30 20.40 8.53
C ARG B 176 31.57 20.83 7.82
N ASN B 177 32.20 19.94 7.05
CA ASN B 177 33.30 20.35 6.19
C ASN B 177 32.83 20.98 4.88
N HIS B 178 31.52 21.04 4.65
CA HIS B 178 30.97 21.63 3.43
C HIS B 178 29.78 22.54 3.78
N ALA B 179 30.05 23.52 4.63
CA ALA B 179 28.99 24.34 5.22
C ALA B 179 28.73 25.63 4.46
N GLU B 180 29.64 26.04 3.57
CA GLU B 180 29.43 27.27 2.82
C GLU B 180 28.23 27.11 1.87
N VAL B 181 27.41 28.15 1.77
CA VAL B 181 26.21 28.13 0.94
C VAL B 181 26.41 29.06 -0.25
N GLU B 182 26.19 28.52 -1.45
CA GLU B 182 26.27 29.27 -2.69
C GLU B 182 25.19 30.35 -2.75
N ASP B 183 25.33 31.28 -3.69
CA ASP B 183 24.28 32.26 -3.93
C ASP B 183 23.00 31.53 -4.29
N LEU B 184 21.90 31.86 -3.61
CA LEU B 184 20.64 31.18 -3.84
C LEU B 184 19.80 31.94 -4.86
N GLU B 185 19.08 31.19 -5.69
CA GLU B 185 18.14 31.73 -6.66
C GLU B 185 16.73 31.57 -6.13
N VAL B 186 16.04 32.69 -5.88
CA VAL B 186 14.69 32.73 -5.31
C VAL B 186 13.80 33.62 -6.16
N LYS B 187 12.59 33.15 -6.45
CA LYS B 187 11.57 33.98 -7.09
C LYS B 187 10.22 33.80 -6.40
N VAL B 188 9.47 34.90 -6.32
CA VAL B 188 8.08 34.89 -5.80
C VAL B 188 7.21 35.58 -6.86
N ASP B 189 6.36 34.82 -7.53
CA ASP B 189 5.48 35.37 -8.59
C ASP B 189 4.14 34.65 -8.53
N LYS B 190 3.42 34.67 -9.65
CA LYS B 190 2.07 34.04 -9.77
C LYS B 190 2.14 32.56 -9.42
N ASP B 191 3.23 31.88 -9.73
CA ASP B 191 3.39 30.44 -9.44
C ASP B 191 3.72 30.17 -7.97
N GLY B 192 3.95 31.20 -7.16
CA GLY B 192 4.32 31.06 -5.76
C GLY B 192 5.79 31.31 -5.52
N LEU B 193 6.37 30.58 -4.57
CA LEU B 193 7.78 30.72 -4.24
C LEU B 193 8.56 29.56 -4.84
N THR B 194 9.60 29.88 -5.61
CA THR B 194 10.48 28.87 -6.18
C THR B 194 11.91 29.12 -5.75
N MET B 195 12.58 28.08 -5.28
CA MET B 195 14.03 28.14 -5.12
C MET B 195 14.67 27.37 -6.27
N GLY B 196 15.63 28.02 -6.95
CA GLY B 196 16.28 27.40 -8.09
C GLY B 196 17.29 26.34 -7.69
N LYS B 197 17.77 25.60 -8.69
CA LYS B 197 18.65 24.47 -8.43
C LYS B 197 19.85 24.88 -7.59
N TYR B 198 20.14 24.11 -6.56
N TYR B 198 20.16 24.05 -6.60
CA TYR B 198 21.34 24.34 -5.78
CA TYR B 198 21.17 24.28 -5.58
C TYR B 198 21.93 22.99 -5.42
C TYR B 198 21.88 22.95 -5.28
N GLN B 199 23.18 23.02 -4.99
CA GLN B 199 23.96 21.82 -4.74
C GLN B 199 23.92 21.44 -3.26
N VAL B 200 23.56 20.18 -2.99
CA VAL B 200 23.56 19.62 -1.64
C VAL B 200 24.72 18.63 -1.54
N HIS B 201 25.51 18.75 -0.49
CA HIS B 201 26.69 17.91 -0.35
C HIS B 201 26.35 16.60 0.35
N THR B 202 26.82 15.50 -0.22
CA THR B 202 26.50 14.18 0.31
C THR B 202 27.78 13.37 0.48
N SER B 203 27.62 12.07 0.73
CA SER B 203 28.76 11.18 0.90
C SER B 203 28.94 10.21 -0.25
N LYS B 204 27.98 10.12 -1.17
CA LYS B 204 28.04 9.19 -2.29
C LYS B 204 28.37 9.92 -3.59
N PHE B 205 29.10 9.22 -4.46
CA PHE B 205 29.60 9.81 -5.69
C PHE B 205 28.47 10.04 -6.69
N ASN B 206 28.33 11.27 -7.16
CA ASN B 206 27.37 11.60 -8.22
C ASN B 206 28.05 11.44 -9.56
N ASN B 207 27.54 10.51 -10.38
CA ASN B 207 28.13 10.22 -11.68
C ASN B 207 27.86 11.30 -12.73
N SER B 208 26.96 12.25 -12.45
CA SER B 208 26.69 13.33 -13.40
C SER B 208 27.60 14.53 -13.16
N THR B 209 27.87 14.86 -11.89
CA THR B 209 28.72 15.99 -11.54
C THR B 209 30.15 15.60 -11.22
N LYS B 210 30.40 14.30 -10.99
CA LYS B 210 31.72 13.78 -10.66
C LYS B 210 32.22 14.25 -9.30
N ASP B 211 31.31 14.43 -8.35
CA ASP B 211 31.68 14.69 -6.95
C ASP B 211 30.53 14.24 -6.05
N ASP B 212 30.69 14.46 -4.74
CA ASP B 212 29.73 14.02 -3.73
C ASP B 212 28.70 15.13 -3.50
N SER B 213 27.77 15.24 -4.42
CA SER B 213 26.73 16.26 -4.29
C SER B 213 25.48 15.81 -5.05
N MET B 214 24.40 16.54 -4.80
CA MET B 214 23.16 16.37 -5.53
C MET B 214 22.57 17.74 -5.81
N VAL B 215 21.62 17.78 -6.73
CA VAL B 215 21.01 19.03 -7.17
C VAL B 215 19.56 19.03 -6.74
N ASN B 216 19.16 20.07 -6.01
CA ASN B 216 17.84 20.14 -5.42
C ASN B 216 17.18 21.45 -5.85
N TRP B 217 15.86 21.42 -5.99
CA TRP B 217 15.08 22.65 -6.13
C TRP B 217 13.70 22.38 -5.55
N PHE B 218 12.95 23.46 -5.29
CA PHE B 218 11.59 23.25 -4.82
C PHE B 218 10.72 24.45 -5.12
N ARG B 219 9.41 24.22 -5.06
CA ARG B 219 8.42 25.25 -5.33
C ARG B 219 7.23 25.10 -4.39
N LEU B 220 6.73 26.24 -3.89
CA LEU B 220 5.48 26.29 -3.15
C LEU B 220 4.47 27.11 -3.94
N SER B 221 3.42 26.46 -4.45
CA SER B 221 2.31 27.21 -5.04
C SER B 221 1.50 27.93 -3.98
N HIS B 222 1.46 27.38 -2.76
CA HIS B 222 0.71 27.91 -1.64
C HIS B 222 1.55 27.64 -0.39
N PRO B 223 1.32 28.39 0.69
CA PRO B 223 2.36 28.45 1.73
C PRO B 223 2.53 27.17 2.54
N LEU B 224 1.64 26.18 2.47
CA LEU B 224 1.82 25.00 3.32
C LEU B 224 1.95 23.69 2.51
N CYS B 225 2.31 23.78 1.23
N CYS B 225 2.26 23.80 1.23
CA CYS B 225 2.55 22.58 0.44
CA CYS B 225 2.56 22.65 0.40
C CYS B 225 3.71 22.83 -0.52
C CYS B 225 3.82 22.95 -0.39
N GLN B 226 4.74 21.99 -0.41
CA GLN B 226 6.01 22.17 -1.10
C GLN B 226 6.25 20.97 -2.03
N TYR B 227 6.60 21.26 -3.27
CA TYR B 227 7.03 20.26 -4.24
C TYR B 227 8.54 20.33 -4.32
N CYS B 228 9.22 19.19 -4.14
CA CYS B 228 10.66 19.16 -3.99
C CYS B 228 11.23 18.13 -4.94
N SER B 229 12.35 18.48 -5.58
CA SER B 229 12.97 17.64 -6.60
C SER B 229 14.47 17.54 -6.33
N THR B 230 15.00 16.33 -6.36
CA THR B 230 16.42 16.11 -6.10
C THR B 230 16.96 15.12 -7.11
N GLU B 231 18.12 15.43 -7.69
CA GLU B 231 18.69 14.58 -8.72
C GLU B 231 20.13 14.25 -8.37
N ALA B 232 20.48 12.97 -8.45
CA ALA B 232 21.88 12.58 -8.36
C ALA B 232 22.09 11.27 -9.08
N SER B 233 23.21 11.15 -9.79
CA SER B 233 23.62 9.88 -10.40
C SER B 233 22.52 9.29 -11.27
N GLU B 234 21.88 10.14 -12.07
CA GLU B 234 20.79 9.76 -12.96
C GLU B 234 19.49 9.37 -12.26
N MET B 235 19.46 9.25 -10.93
CA MET B 235 18.22 8.96 -10.21
C MET B 235 17.61 10.26 -9.67
N ARG B 236 16.28 10.33 -9.71
CA ARG B 236 15.54 11.50 -9.28
C ARG B 236 14.54 11.11 -8.20
N THR B 237 14.47 11.91 -7.15
CA THR B 237 13.48 11.75 -6.09
C THR B 237 12.69 13.04 -5.98
N VAL B 238 11.36 12.93 -6.00
CA VAL B 238 10.50 14.09 -5.84
C VAL B 238 9.60 13.83 -4.63
N ASP B 239 9.19 14.89 -3.97
CA ASP B 239 8.17 14.65 -2.96
C ASP B 239 7.19 15.80 -2.91
N LEU B 240 6.04 15.51 -2.33
CA LEU B 240 5.05 16.51 -1.99
C LEU B 240 5.00 16.56 -0.47
N MET B 241 5.37 17.71 0.07
CA MET B 241 5.37 17.93 1.52
C MET B 241 4.10 18.70 1.85
N VAL B 242 3.26 18.14 2.71
CA VAL B 242 2.00 18.78 3.07
C VAL B 242 1.97 18.97 4.58
N VAL B 243 1.67 20.21 5.01
CA VAL B 243 1.55 20.55 6.42
C VAL B 243 0.08 20.78 6.72
N THR B 244 -0.43 20.13 7.77
CA THR B 244 -1.79 20.34 8.21
C THR B 244 -1.76 21.42 9.29
N PRO B 245 -2.36 22.60 9.06
CA PRO B 245 -2.38 23.62 10.10
C PRO B 245 -3.47 23.33 11.13
N ILE B 246 -3.12 22.60 12.19
CA ILE B 246 -4.10 22.22 13.22
C ILE B 246 -4.67 23.45 13.88
N ASP B 247 -3.80 24.37 14.26
CA ASP B 247 -4.17 25.69 14.78
C ASP B 247 -2.92 26.55 14.64
N GLU B 248 -2.88 27.67 15.37
CA GLU B 248 -1.76 28.59 15.16
C GLU B 248 -0.43 28.01 15.62
N ASP B 249 -0.45 26.99 16.48
CA ASP B 249 0.72 26.59 17.24
C ASP B 249 1.07 25.11 17.07
N ASN B 250 0.36 24.39 16.21
CA ASN B 250 0.49 22.95 16.11
C ASN B 250 0.27 22.53 14.66
N SER B 251 0.94 21.44 14.27
N SER B 251 0.92 21.44 14.25
CA SER B 251 0.97 21.01 12.87
CA SER B 251 0.77 21.04 12.87
C SER B 251 0.94 19.49 12.78
C SER B 251 1.04 19.54 12.72
N VAL B 252 0.53 18.99 11.63
CA VAL B 252 0.81 17.63 11.20
C VAL B 252 1.65 17.71 9.93
N LEU B 253 2.66 16.86 9.81
CA LEU B 253 3.53 16.85 8.66
C LEU B 253 3.46 15.49 7.99
N ARG B 254 3.29 15.48 6.65
CA ARG B 254 3.27 14.25 5.85
C ARG B 254 4.06 14.50 4.57
N TYR B 255 4.65 13.43 4.02
CA TYR B 255 5.28 13.47 2.70
C TYR B 255 4.75 12.34 1.84
N LEU B 256 4.52 12.65 0.56
CA LEU B 256 4.38 11.66 -0.50
C LEU B 256 5.67 11.72 -1.32
N ILE B 257 6.36 10.58 -1.45
CA ILE B 257 7.69 10.55 -2.06
C ILE B 257 7.63 9.62 -3.27
N MET B 258 8.20 10.06 -4.40
CA MET B 258 8.31 9.21 -5.58
C MET B 258 9.74 9.24 -6.10
N TRP B 259 10.20 8.12 -6.64
CA TRP B 259 11.59 8.04 -7.10
C TRP B 259 11.67 7.04 -8.24
N ASN B 260 12.66 7.23 -9.12
CA ASN B 260 12.75 6.35 -10.29
C ASN B 260 13.89 5.34 -10.20
N GLY B 261 14.50 5.17 -9.03
CA GLY B 261 15.50 4.15 -8.81
C GLY B 261 14.91 2.84 -8.32
N SER B 262 15.76 2.02 -7.71
CA SER B 262 15.35 0.68 -7.30
C SER B 262 14.21 0.72 -6.27
N LYS B 263 13.29 -0.21 -6.41
CA LYS B 263 12.25 -0.38 -5.41
C LYS B 263 12.83 -0.67 -4.03
N THR B 264 14.03 -1.27 -3.96
CA THR B 264 14.63 -1.59 -2.67
C THR B 264 15.10 -0.36 -1.91
N LEU B 265 15.10 0.82 -2.53
CA LEU B 265 15.48 2.02 -1.81
C LEU B 265 14.40 2.48 -0.83
N GLU B 266 13.18 1.91 -0.93
CA GLU B 266 12.03 2.46 -0.22
C GLU B 266 12.26 2.54 1.28
N SER B 267 12.68 1.43 1.90
CA SER B 267 12.90 1.49 3.35
C SER B 267 14.03 2.45 3.71
N LYS B 268 15.05 2.56 2.86
CA LYS B 268 16.13 3.52 3.12
C LYS B 268 15.61 4.95 3.02
N ILE B 269 14.78 5.22 2.02
CA ILE B 269 14.18 6.55 1.88
C ILE B 269 13.36 6.89 3.12
N LEU B 270 12.50 5.97 3.55
CA LEU B 270 11.66 6.21 4.72
C LEU B 270 12.51 6.44 5.95
N ALA B 271 13.59 5.68 6.11
CA ALA B 271 14.44 5.85 7.28
C ALA B 271 15.17 7.18 7.26
N ASP B 272 15.65 7.59 6.08
CA ASP B 272 16.32 8.88 5.98
C ASP B 272 15.38 10.02 6.28
N TYR B 273 14.15 9.97 5.74
CA TYR B 273 13.19 11.02 6.06
C TYR B 273 12.88 11.05 7.55
N ASP B 274 12.71 9.89 8.18
CA ASP B 274 12.40 9.87 9.60
C ASP B 274 13.54 10.51 10.40
N GLN B 275 14.78 10.23 10.02
CA GLN B 275 15.91 10.81 10.75
C GLN B 275 15.95 12.33 10.57
N VAL B 276 15.77 12.78 9.32
N VAL B 276 15.77 12.78 9.32
CA VAL B 276 15.81 14.22 9.05
CA VAL B 276 15.81 14.22 9.05
C VAL B 276 14.67 14.94 9.75
C VAL B 276 14.67 14.94 9.75
N ILE B 277 13.46 14.37 9.67
CA ILE B 277 12.29 15.00 10.31
C ILE B 277 12.50 15.10 11.83
N GLU B 278 13.00 14.03 12.45
CA GLU B 278 13.21 14.10 13.89
C GLU B 278 14.32 15.10 14.25
N GLU B 279 15.33 15.22 13.40
CA GLU B 279 16.36 16.24 13.63
C GLU B 279 15.75 17.63 13.59
N ASP B 280 14.83 17.86 12.65
CA ASP B 280 14.17 19.16 12.54
C ASP B 280 13.22 19.41 13.70
N ILE B 281 12.49 18.38 14.15
CA ILE B 281 11.55 18.56 15.25
C ILE B 281 12.28 18.99 16.51
N ARG B 282 13.48 18.45 16.74
CA ARG B 282 14.28 18.90 17.88
C ARG B 282 14.46 20.40 17.88
N ILE B 283 14.75 20.98 16.72
CA ILE B 283 14.94 22.42 16.61
C ILE B 283 13.60 23.14 16.67
N LEU B 284 12.62 22.66 15.92
CA LEU B 284 11.29 23.35 15.86
C LEU B 284 10.69 23.48 17.26
N HIS B 285 10.76 22.43 18.05
CA HIS B 285 10.10 22.45 19.40
C HIS B 285 10.78 23.50 20.29
N SER B 286 12.03 23.85 20.01
CA SER B 286 12.80 24.75 20.89
C SER B 286 12.68 26.22 20.47
N GLN B 287 12.13 26.46 19.29
CA GLN B 287 12.20 27.82 18.77
C GLN B 287 11.20 28.73 19.46
N GLN B 288 11.64 29.95 19.72
CA GLN B 288 10.76 30.97 20.31
C GLN B 288 10.93 32.27 19.50
N PRO B 289 9.84 33.00 19.17
CA PRO B 289 8.47 32.62 19.53
C PRO B 289 7.93 31.40 18.76
N THR B 290 6.90 30.78 19.30
CA THR B 290 6.31 29.62 18.63
C THR B 290 5.85 29.96 17.22
N ARG B 291 5.21 31.12 17.06
CA ARG B 291 4.69 31.49 15.76
C ARG B 291 5.80 32.12 14.92
N LEU B 292 5.63 32.10 13.60
CA LEU B 292 6.69 32.56 12.71
C LEU B 292 6.75 34.08 12.67
N PRO B 293 7.88 34.70 13.02
CA PRO B 293 7.98 36.17 12.94
C PRO B 293 8.04 36.64 11.50
N LEU B 294 7.21 37.61 11.17
CA LEU B 294 7.29 38.20 9.84
C LEU B 294 8.27 39.37 9.86
N LEU B 295 8.53 39.96 8.70
CA LEU B 295 9.39 41.13 8.63
C LEU B 295 8.62 42.37 9.07
N SER B 296 9.35 43.34 9.59
CA SER B 296 8.67 44.52 10.11
C SER B 296 9.47 45.77 9.74
N PRO B 297 8.79 46.90 9.53
CA PRO B 297 9.51 48.15 9.33
C PRO B 297 10.34 48.58 10.53
N LYS B 298 10.15 47.95 11.69
CA LYS B 298 10.76 48.37 12.94
C LYS B 298 12.21 47.91 13.01
N GLN B 299 12.82 48.06 14.18
CA GLN B 299 14.19 47.63 14.43
C GLN B 299 14.30 46.91 15.77
N LEU B 305 11.86 39.38 22.81
CA LEU B 305 13.02 38.76 22.15
C LEU B 305 13.50 39.66 21.01
N PRO B 306 14.81 39.65 20.75
CA PRO B 306 15.34 40.49 19.66
C PRO B 306 14.86 39.99 18.30
N GLN B 307 14.75 40.92 17.36
CA GLN B 307 14.31 40.57 16.02
C GLN B 307 15.28 39.58 15.39
N GLU B 308 14.74 38.73 14.52
CA GLU B 308 15.57 37.82 13.74
C GLU B 308 16.68 38.56 13.01
N ILE B 309 17.75 37.86 12.68
CA ILE B 309 18.81 38.39 11.84
C ILE B 309 18.82 37.61 10.54
N HIS B 310 19.06 38.29 9.43
CA HIS B 310 19.07 37.65 8.12
C HIS B 310 20.43 37.85 7.45
N VAL B 311 20.98 36.77 6.89
CA VAL B 311 22.21 36.81 6.10
C VAL B 311 21.89 36.29 4.70
N PRO B 312 22.81 36.37 3.73
CA PRO B 312 22.44 36.04 2.34
C PRO B 312 21.88 34.64 2.14
N SER B 313 22.41 33.64 2.86
CA SER B 313 21.88 32.29 2.73
C SER B 313 20.45 32.16 3.27
N ASP B 314 19.90 33.22 3.87
CA ASP B 314 18.51 33.23 4.31
C ASP B 314 17.56 33.77 3.24
N ARG B 315 18.03 33.93 2.00
CA ARG B 315 17.25 34.62 0.99
C ARG B 315 15.87 34.00 0.78
N CYS B 316 15.79 32.66 0.80
N CYS B 316 15.79 32.66 0.78
CA CYS B 316 14.51 32.02 0.55
CA CYS B 316 14.51 31.99 0.56
C CYS B 316 13.58 32.05 1.75
C CYS B 316 13.58 32.13 1.76
N THR B 317 14.11 32.00 2.97
CA THR B 317 13.24 32.10 4.13
C THR B 317 12.80 33.55 4.37
N VAL B 318 13.63 34.52 4.00
CA VAL B 318 13.16 35.91 4.00
C VAL B 318 12.04 36.08 2.99
N ALA B 319 12.19 35.50 1.79
CA ALA B 319 11.16 35.60 0.77
C ALA B 319 9.87 34.96 1.25
N TYR B 320 9.99 33.87 2.01
CA TYR B 320 8.79 33.23 2.55
C TYR B 320 8.05 34.14 3.51
N ARG B 321 8.78 34.78 4.44
CA ARG B 321 8.14 35.72 5.35
C ARG B 321 7.51 36.88 4.60
N ARG B 322 8.21 37.42 3.60
N ARG B 322 8.23 37.43 3.62
CA ARG B 322 7.65 38.52 2.82
CA ARG B 322 7.67 38.50 2.79
C ARG B 322 6.39 38.08 2.08
C ARG B 322 6.38 38.06 2.11
N TRP B 323 6.38 36.84 1.57
CA TRP B 323 5.20 36.33 0.87
C TRP B 323 4.00 36.20 1.81
N LEU B 324 4.22 35.67 3.02
CA LEU B 324 3.10 35.51 3.96
C LEU B 324 2.49 36.85 4.32
N LYS B 325 3.32 37.88 4.53
CA LYS B 325 2.76 39.20 4.81
C LYS B 325 1.97 39.71 3.61
N GLU B 326 2.53 39.55 2.41
CA GLU B 326 1.84 40.02 1.22
C GLU B 326 0.51 39.30 1.04
N LEU B 327 0.43 38.04 1.42
CA LEU B 327 -0.82 37.31 1.29
C LEU B 327 -1.83 37.70 2.36
N GLY B 328 -1.40 38.37 3.42
CA GLY B 328 -2.30 38.73 4.50
C GLY B 328 -2.45 37.70 5.59
N VAL B 329 -1.47 36.81 5.74
CA VAL B 329 -1.51 35.82 6.82
C VAL B 329 -1.22 36.50 8.15
N THR B 330 -2.14 36.33 9.11
CA THR B 330 -2.00 36.76 10.49
C THR B 330 -2.11 35.60 11.47
N TYR B 331 -2.51 34.43 11.02
CA TYR B 331 -2.75 33.26 11.85
C TYR B 331 -1.51 32.38 11.85
N GLY B 332 -0.99 32.06 13.04
CA GLY B 332 0.22 31.24 13.14
C GLY B 332 1.52 31.97 12.91
N VAL B 333 1.47 33.31 12.79
CA VAL B 333 2.62 34.15 12.57
C VAL B 333 2.56 35.27 13.60
N CYS B 334 3.65 36.02 13.73
CA CYS B 334 3.69 37.13 14.68
C CYS B 334 4.66 38.24 14.25
N MET C 1 28.56 -19.79 2.67
CA MET C 1 27.81 -20.46 3.72
C MET C 1 28.12 -19.86 5.09
N THR C 2 27.07 -19.61 5.88
CA THR C 2 27.24 -19.00 7.19
C THR C 2 28.04 -19.92 8.12
N THR C 3 29.13 -19.40 8.66
CA THR C 3 29.92 -20.12 9.66
C THR C 3 29.45 -19.82 11.09
N ALA C 4 28.31 -19.17 11.26
CA ALA C 4 27.83 -18.87 12.60
C ALA C 4 27.52 -20.16 13.36
N ASP C 5 27.70 -20.11 14.67
CA ASP C 5 27.38 -21.25 15.53
C ASP C 5 25.88 -21.50 15.54
N LEU C 6 25.52 -22.77 15.77
CA LEU C 6 24.11 -23.13 15.83
C LEU C 6 23.38 -22.30 16.88
N ILE C 7 24.04 -22.01 18.00
CA ILE C 7 23.37 -21.27 19.07
C ILE C 7 22.96 -19.88 18.59
N LEU C 8 23.72 -19.31 17.66
CA LEU C 8 23.36 -18.01 17.08
C LEU C 8 22.31 -18.17 15.97
N ILE C 9 22.47 -19.17 15.12
CA ILE C 9 21.54 -19.42 14.02
C ILE C 9 20.12 -19.65 14.54
N ASN C 10 20.00 -20.31 15.69
CA ASN C 10 18.69 -20.66 16.20
C ASN C 10 18.06 -19.58 17.07
N ASN C 11 18.61 -18.36 17.08
CA ASN C 11 18.03 -17.25 17.82
C ASN C 11 17.36 -16.26 16.87
N TRP C 12 16.59 -15.36 17.46
CA TRP C 12 15.88 -14.29 16.78
C TRP C 12 16.70 -13.00 16.80
N TYR C 13 16.75 -12.30 15.66
CA TYR C 13 17.42 -11.01 15.56
C TYR C 13 16.55 -10.00 14.84
N VAL C 14 16.67 -8.73 15.22
CA VAL C 14 15.96 -7.67 14.50
C VAL C 14 16.70 -7.35 13.22
N VAL C 15 15.96 -7.25 12.11
CA VAL C 15 16.55 -6.85 10.84
C VAL C 15 15.94 -5.58 10.26
N ALA C 16 14.82 -5.08 10.79
CA ALA C 16 14.17 -3.89 10.26
C ALA C 16 13.11 -3.42 11.24
N LYS C 17 12.67 -2.18 11.07
CA LYS C 17 11.46 -1.66 11.72
C LYS C 17 10.24 -1.97 10.87
N VAL C 18 9.16 -2.41 11.52
CA VAL C 18 7.93 -2.72 10.77
C VAL C 18 7.43 -1.51 10.00
N GLU C 19 7.57 -0.32 10.58
CA GLU C 19 7.04 0.87 9.91
C GLU C 19 7.79 1.23 8.62
N ASP C 20 8.96 0.66 8.38
CA ASP C 20 9.70 0.94 7.15
C ASP C 20 9.43 -0.11 6.08
N CYS C 21 8.57 -1.08 6.35
N CYS C 21 8.52 -1.04 6.32
CA CYS C 21 8.25 -2.18 5.43
CA CYS C 21 8.25 -2.19 5.47
C CYS C 21 6.77 -2.08 5.10
C CYS C 21 6.77 -2.13 5.09
N ARG C 22 6.45 -1.31 4.07
CA ARG C 22 5.09 -1.05 3.67
C ARG C 22 4.54 -2.20 2.83
N PRO C 23 3.22 -2.28 2.67
CA PRO C 23 2.66 -3.28 1.76
C PRO C 23 3.22 -3.10 0.35
N GLY C 24 3.55 -4.22 -0.27
CA GLY C 24 4.10 -4.19 -1.61
C GLY C 24 5.59 -3.92 -1.67
N SER C 25 6.24 -3.75 -0.53
CA SER C 25 7.63 -3.33 -0.51
C SER C 25 8.57 -4.50 -0.60
N ILE C 26 9.80 -4.20 -1.03
CA ILE C 26 10.92 -5.12 -1.09
C ILE C 26 12.10 -4.44 -0.40
N THR C 27 12.61 -5.09 0.64
CA THR C 27 13.67 -4.55 1.50
C THR C 27 14.85 -5.54 1.50
N THR C 28 16.08 -5.03 1.55
CA THR C 28 17.23 -5.92 1.70
C THR C 28 17.81 -5.78 3.09
N ALA C 29 18.41 -6.87 3.58
CA ALA C 29 19.10 -6.86 4.87
C ALA C 29 20.14 -7.97 4.86
N HIS C 30 20.97 -7.99 5.90
CA HIS C 30 22.07 -8.96 6.02
C HIS C 30 22.09 -9.48 7.44
N LEU C 31 22.25 -10.79 7.60
CA LEU C 31 22.19 -11.40 8.92
C LEU C 31 23.09 -12.62 8.94
N LEU C 32 24.07 -12.63 9.85
CA LEU C 32 24.99 -13.76 10.01
C LEU C 32 25.59 -14.19 8.67
N GLY C 33 25.98 -13.21 7.86
CA GLY C 33 26.60 -13.46 6.57
C GLY C 33 25.64 -13.79 5.45
N VAL C 34 24.33 -13.80 5.70
CA VAL C 34 23.34 -14.19 4.70
C VAL C 34 22.66 -12.94 4.16
N LYS C 35 22.50 -12.86 2.83
CA LYS C 35 21.76 -11.77 2.21
C LYS C 35 20.27 -12.08 2.20
N LEU C 36 19.46 -11.18 2.76
CA LEU C 36 18.04 -11.42 2.91
C LEU C 36 17.23 -10.50 2.03
N VAL C 37 16.06 -10.98 1.61
CA VAL C 37 15.03 -10.13 1.02
C VAL C 37 13.79 -10.24 1.90
N LEU C 38 13.20 -9.10 2.22
CA LEU C 38 11.96 -8.98 2.97
C LEU C 38 10.91 -8.40 2.04
N TRP C 39 9.77 -9.09 1.89
CA TRP C 39 8.75 -8.53 1.03
C TRP C 39 7.36 -8.77 1.60
N ARG C 40 6.43 -7.88 1.20
CA ARG C 40 5.02 -7.94 1.60
C ARG C 40 4.14 -7.78 0.38
N SER C 41 3.04 -8.53 0.35
CA SER C 41 2.05 -8.27 -0.68
C SER C 41 1.38 -6.92 -0.43
N HIS C 42 0.66 -6.45 -1.45
CA HIS C 42 0.04 -5.13 -1.39
C HIS C 42 -1.19 -5.09 -0.49
N GLU C 43 -1.65 -6.24 0.00
CA GLU C 43 -2.83 -6.26 0.85
C GLU C 43 -2.53 -5.58 2.18
N GLN C 44 -3.51 -4.89 2.74
CA GLN C 44 -3.30 -4.35 4.07
C GLN C 44 -3.17 -5.50 5.06
N ASN C 45 -2.30 -5.32 6.04
CA ASN C 45 -1.99 -6.32 7.06
C ASN C 45 -1.32 -7.57 6.51
N SER C 46 -0.74 -7.50 5.32
CA SER C 46 -0.07 -8.67 4.76
C SER C 46 1.15 -9.02 5.63
N PRO C 47 1.48 -10.30 5.73
CA PRO C 47 2.68 -10.69 6.48
C PRO C 47 3.94 -10.31 5.73
N ILE C 48 5.06 -10.37 6.45
CA ILE C 48 6.39 -10.16 5.88
C ILE C 48 7.01 -11.52 5.61
N GLN C 49 7.45 -11.74 4.38
CA GLN C 49 8.29 -12.89 4.04
C GLN C 49 9.75 -12.49 4.13
N VAL C 50 10.59 -13.40 4.65
CA VAL C 50 12.04 -13.18 4.74
C VAL C 50 12.72 -14.40 4.13
N TRP C 51 13.40 -14.21 3.00
CA TRP C 51 14.01 -15.29 2.26
C TRP C 51 15.48 -14.96 1.98
N GLN C 52 16.25 -15.98 1.64
CA GLN C 52 17.56 -15.70 1.07
C GLN C 52 17.38 -14.98 -0.27
N ASP C 53 18.21 -13.96 -0.51
CA ASP C 53 17.99 -13.08 -1.66
C ASP C 53 18.68 -13.67 -2.89
N TYR C 54 18.01 -14.66 -3.49
CA TYR C 54 18.69 -15.47 -4.49
C TYR C 54 17.66 -16.27 -5.27
N CYS C 55 17.63 -16.08 -6.59
CA CYS C 55 16.80 -16.90 -7.47
C CYS C 55 17.62 -18.11 -7.92
N PRO C 56 17.17 -19.33 -7.66
CA PRO C 56 17.99 -20.50 -7.97
C PRO C 56 18.05 -20.86 -9.44
N HIS C 57 17.37 -20.13 -10.31
CA HIS C 57 17.46 -20.42 -11.73
C HIS C 57 18.80 -19.98 -12.30
N ARG C 58 19.07 -18.67 -12.28
CA ARG C 58 20.34 -18.17 -12.79
C ARG C 58 21.01 -17.21 -11.80
N GLY C 59 20.64 -17.27 -10.53
CA GLY C 59 21.46 -16.65 -9.50
C GLY C 59 21.31 -15.14 -9.34
N VAL C 60 20.15 -14.60 -9.71
N VAL C 60 20.18 -14.58 -9.75
CA VAL C 60 19.85 -13.17 -9.62
CA VAL C 60 20.04 -13.14 -9.57
C VAL C 60 19.24 -12.87 -8.26
C VAL C 60 19.32 -12.88 -8.25
N PRO C 61 19.53 -11.72 -7.64
CA PRO C 61 18.79 -11.38 -6.40
C PRO C 61 17.31 -11.18 -6.68
N LEU C 62 16.47 -11.92 -5.94
CA LEU C 62 15.03 -11.71 -6.05
C LEU C 62 14.63 -10.30 -5.63
N SER C 63 15.44 -9.64 -4.80
CA SER C 63 15.12 -8.27 -4.38
C SER C 63 15.13 -7.29 -5.55
N MET C 64 15.69 -7.67 -6.70
CA MET C 64 15.63 -6.81 -7.88
C MET C 64 14.34 -6.96 -8.66
N GLY C 65 13.40 -7.74 -8.16
CA GLY C 65 12.16 -8.02 -8.83
C GLY C 65 11.03 -7.11 -8.39
N GLU C 66 9.82 -7.65 -8.43
CA GLU C 66 8.63 -6.86 -8.13
C GLU C 66 7.63 -7.75 -7.41
N VAL C 67 6.77 -7.13 -6.62
CA VAL C 67 5.70 -7.87 -5.94
C VAL C 67 4.44 -7.70 -6.75
N ALA C 68 3.82 -8.82 -7.13
CA ALA C 68 2.57 -8.75 -7.88
C ALA C 68 1.71 -9.97 -7.59
N ASN C 69 0.43 -9.74 -7.35
CA ASN C 69 -0.53 -10.82 -7.11
C ASN C 69 -0.04 -11.80 -6.04
N ASN C 70 0.45 -11.23 -4.93
CA ASN C 70 0.90 -12.02 -3.78
C ASN C 70 2.01 -12.99 -4.16
N THR C 71 2.89 -12.56 -5.07
CA THR C 71 4.10 -13.32 -5.39
C THR C 71 5.26 -12.35 -5.48
N LEU C 72 6.46 -12.88 -5.28
CA LEU C 72 7.66 -12.14 -5.61
C LEU C 72 8.16 -12.65 -6.96
N VAL C 73 8.42 -11.73 -7.89
CA VAL C 73 8.71 -12.06 -9.29
C VAL C 73 10.17 -11.75 -9.59
N CYS C 74 10.92 -12.76 -10.01
CA CYS C 74 12.31 -12.51 -10.38
C CYS C 74 12.40 -11.60 -11.60
N PRO C 75 13.35 -10.64 -11.64
CA PRO C 75 13.43 -9.72 -12.78
C PRO C 75 13.93 -10.37 -14.06
N TYR C 76 14.63 -11.49 -13.98
CA TYR C 76 15.40 -11.94 -15.14
C TYR C 76 14.53 -12.75 -16.10
N HIS C 77 13.88 -13.80 -15.61
CA HIS C 77 12.97 -14.57 -16.44
C HIS C 77 11.57 -14.61 -15.86
N GLY C 78 11.29 -13.81 -14.83
CA GLY C 78 9.91 -13.64 -14.40
C GLY C 78 9.31 -14.80 -13.61
N TRP C 79 10.12 -15.72 -13.11
CA TRP C 79 9.56 -16.78 -12.26
C TRP C 79 8.88 -16.15 -11.05
N ARG C 80 7.73 -16.68 -10.68
CA ARG C 80 6.91 -16.10 -9.62
C ARG C 80 6.87 -17.04 -8.43
N TYR C 81 7.18 -16.50 -7.25
CA TYR C 81 7.30 -17.28 -6.03
C TYR C 81 6.18 -16.89 -5.07
N ASN C 82 5.43 -17.89 -4.59
CA ASN C 82 4.31 -17.56 -3.72
C ASN C 82 4.82 -17.26 -2.30
N GLN C 83 3.88 -16.99 -1.38
CA GLN C 83 4.29 -16.55 -0.05
C GLN C 83 5.12 -17.61 0.68
N ALA C 84 4.95 -18.89 0.34
CA ALA C 84 5.74 -19.96 0.93
C ALA C 84 7.09 -20.17 0.22
N GLY C 85 7.41 -19.39 -0.80
CA GLY C 85 8.67 -19.51 -1.49
C GLY C 85 8.65 -20.48 -2.66
N LYS C 86 7.51 -21.08 -2.96
CA LYS C 86 7.45 -22.07 -4.03
C LYS C 86 7.22 -21.34 -5.35
N CYS C 87 7.98 -21.70 -6.37
N CYS C 87 7.98 -21.70 -6.37
CA CYS C 87 7.71 -21.15 -7.70
CA CYS C 87 7.71 -21.15 -7.70
C CYS C 87 6.40 -21.73 -8.21
C CYS C 87 6.40 -21.73 -8.21
N VAL C 88 5.50 -20.88 -8.56
CA VAL C 88 4.13 -21.27 -9.01
C VAL C 88 3.90 -20.90 -10.48
N GLN C 89 4.87 -20.23 -11.09
CA GLN C 89 4.75 -19.89 -12.53
C GLN C 89 6.08 -19.60 -13.22
N ILE C 90 6.31 -20.27 -14.33
CA ILE C 90 7.46 -19.99 -15.19
C ILE C 90 6.92 -19.45 -16.52
N PRO C 91 7.07 -18.15 -16.79
CA PRO C 91 6.40 -17.55 -17.96
C PRO C 91 6.76 -18.18 -19.29
N ALA C 92 8.00 -18.65 -19.45
CA ALA C 92 8.39 -19.28 -20.70
C ALA C 92 7.58 -20.54 -20.99
N HIS C 93 7.01 -21.17 -19.96
CA HIS C 93 6.30 -22.44 -20.09
C HIS C 93 5.05 -22.35 -19.24
N PRO C 94 4.05 -21.59 -19.68
CA PRO C 94 2.97 -21.19 -18.77
C PRO C 94 2.05 -22.34 -18.39
N ASP C 95 2.05 -23.44 -19.12
CA ASP C 95 1.25 -24.61 -18.76
C ASP C 95 2.04 -25.64 -17.97
N MET C 96 3.30 -25.40 -17.71
CA MET C 96 4.16 -26.38 -17.06
C MET C 96 4.13 -26.18 -15.56
N VAL C 97 4.04 -27.27 -14.82
CA VAL C 97 4.16 -27.16 -13.36
C VAL C 97 5.64 -26.96 -13.08
N PRO C 98 6.02 -25.90 -12.35
CA PRO C 98 7.43 -25.67 -12.10
C PRO C 98 8.02 -26.84 -11.35
N PRO C 99 9.31 -27.12 -11.55
CA PRO C 99 9.94 -28.22 -10.81
C PRO C 99 9.93 -27.95 -9.33
N ALA C 100 9.85 -29.02 -8.54
CA ALA C 100 9.81 -28.88 -7.09
C ALA C 100 11.07 -28.23 -6.53
N SER C 101 12.18 -28.32 -7.25
CA SER C 101 13.42 -27.66 -6.86
C SER C 101 13.32 -26.12 -6.91
N ALA C 102 12.38 -25.58 -7.67
CA ALA C 102 12.28 -24.13 -7.87
C ALA C 102 11.57 -23.58 -6.64
N GLN C 103 12.36 -23.29 -5.62
CA GLN C 103 11.88 -22.97 -4.28
C GLN C 103 12.90 -22.03 -3.66
N ALA C 104 12.44 -20.90 -3.14
CA ALA C 104 13.34 -20.01 -2.42
C ALA C 104 13.66 -20.60 -1.06
N LYS C 105 14.84 -20.26 -0.54
CA LYS C 105 15.17 -20.62 0.83
C LYS C 105 14.49 -19.61 1.75
N THR C 106 13.59 -20.08 2.60
CA THR C 106 12.77 -19.21 3.45
C THR C 106 13.21 -19.31 4.90
N TYR C 107 12.99 -18.22 5.64
CA TYR C 107 13.35 -18.15 7.05
C TYR C 107 12.13 -17.75 7.87
N HIS C 108 12.25 -17.90 9.18
CA HIS C 108 11.19 -17.51 10.10
C HIS C 108 11.20 -16.00 10.35
N CYS C 109 10.00 -15.41 10.35
CA CYS C 109 9.81 -13.98 10.61
C CYS C 109 8.66 -13.78 11.59
N GLN C 110 8.88 -12.96 12.62
CA GLN C 110 7.81 -12.49 13.50
C GLN C 110 7.92 -10.98 13.64
N GLU C 111 6.78 -10.30 13.67
CA GLU C 111 6.73 -8.89 14.07
C GLU C 111 6.47 -8.83 15.57
N ARG C 112 7.29 -8.08 16.29
CA ARG C 112 7.08 -7.87 17.72
C ARG C 112 7.66 -6.53 18.12
N TYR C 113 6.88 -5.75 18.90
CA TYR C 113 7.29 -4.42 19.35
C TYR C 113 7.58 -3.48 18.18
N GLY C 114 6.87 -3.67 17.06
CA GLY C 114 7.13 -2.82 15.93
C GLY C 114 8.45 -3.10 15.23
N LEU C 115 9.08 -4.23 15.50
CA LEU C 115 10.36 -4.61 14.91
C LEU C 115 10.20 -5.92 14.14
N VAL C 116 10.99 -6.08 13.09
CA VAL C 116 10.95 -7.30 12.29
C VAL C 116 12.04 -8.25 12.80
N TRP C 117 11.62 -9.38 13.35
CA TRP C 117 12.54 -10.37 13.90
C TRP C 117 12.64 -11.56 12.97
N VAL C 118 13.85 -12.08 12.83
CA VAL C 118 14.14 -13.17 11.90
C VAL C 118 14.92 -14.24 12.63
N CYS C 119 14.60 -15.49 12.34
CA CYS C 119 15.38 -16.63 12.79
C CYS C 119 15.79 -17.44 11.57
N LEU C 120 17.10 -17.56 11.34
CA LEU C 120 17.61 -18.30 10.20
C LEU C 120 17.55 -19.81 10.38
N GLY C 121 17.38 -20.27 11.61
CA GLY C 121 17.40 -21.69 11.85
C GLY C 121 16.07 -22.20 12.35
N ASN C 122 16.10 -23.00 13.40
N ASN C 122 16.11 -23.03 13.38
CA ASN C 122 14.86 -23.52 13.96
CA ASN C 122 14.91 -23.54 14.01
C ASN C 122 14.69 -22.92 15.35
C ASN C 122 14.75 -22.83 15.34
N PRO C 123 13.74 -22.01 15.53
CA PRO C 123 13.69 -21.18 16.74
C PRO C 123 13.39 -21.95 18.02
N VAL C 124 14.46 -22.27 18.75
CA VAL C 124 14.32 -22.82 20.09
C VAL C 124 13.74 -21.78 21.04
N ASN C 125 14.34 -20.60 21.07
CA ASN C 125 14.02 -19.59 22.06
C ASN C 125 12.84 -18.72 21.62
N ASP C 126 12.31 -17.99 22.58
CA ASP C 126 11.33 -16.95 22.31
C ASP C 126 12.05 -15.62 22.09
N ILE C 127 11.36 -14.72 21.41
CA ILE C 127 11.80 -13.33 21.31
C ILE C 127 11.87 -12.74 22.71
N PRO C 128 12.86 -11.91 23.03
CA PRO C 128 12.97 -11.37 24.40
C PRO C 128 11.72 -10.60 24.79
N SER C 129 11.42 -10.63 26.09
N SER C 129 11.40 -10.64 26.08
CA SER C 129 10.27 -9.95 26.64
CA SER C 129 10.22 -9.94 26.56
C SER C 129 10.53 -8.45 26.78
C SER C 129 10.52 -8.46 26.76
N PHE C 130 9.46 -7.67 26.69
CA PHE C 130 9.53 -6.21 26.85
C PHE C 130 8.26 -5.80 27.56
N PRO C 131 8.24 -5.91 28.90
CA PRO C 131 6.96 -5.80 29.64
C PRO C 131 6.21 -4.50 29.41
N GLU C 132 6.90 -3.38 29.21
CA GLU C 132 6.22 -2.09 29.07
C GLU C 132 5.54 -1.91 27.72
N TRP C 133 5.75 -2.81 26.75
CA TRP C 133 5.18 -2.62 25.42
C TRP C 133 3.68 -2.40 25.48
N ASP C 134 2.96 -3.21 26.28
CA ASP C 134 1.51 -3.08 26.35
C ASP C 134 1.04 -2.19 27.50
N ASP C 135 1.90 -1.31 28.01
CA ASP C 135 1.53 -0.43 29.11
C ASP C 135 1.20 0.96 28.54
N PRO C 136 -0.07 1.39 28.52
CA PRO C 136 -0.39 2.67 27.89
C PRO C 136 0.13 3.88 28.64
N ASN C 137 0.65 3.71 29.86
CA ASN C 137 1.29 4.82 30.56
C ASN C 137 2.66 5.16 29.97
N TYR C 138 3.18 4.34 29.06
CA TYR C 138 4.50 4.54 28.48
C TYR C 138 4.34 4.90 27.01
N HIS C 139 5.00 5.98 26.60
CA HIS C 139 5.16 6.35 25.20
C HIS C 139 6.30 5.57 24.59
N LYS C 140 6.40 5.57 23.27
CA LYS C 140 7.47 4.83 22.62
C LYS C 140 8.14 5.67 21.55
N THR C 141 9.42 5.39 21.32
CA THR C 141 10.12 5.98 20.19
C THR C 141 11.23 5.02 19.78
N TYR C 142 11.72 5.19 18.56
CA TYR C 142 12.76 4.31 18.02
C TYR C 142 13.90 5.20 17.54
N THR C 143 15.14 4.83 17.89
CA THR C 143 16.27 5.51 17.30
C THR C 143 16.40 5.15 15.82
N LYS C 144 17.22 5.93 15.13
CA LYS C 144 17.66 5.46 13.83
C LYS C 144 18.51 4.21 14.01
N SER C 145 18.79 3.53 12.90
CA SER C 145 19.73 2.42 12.95
C SER C 145 21.15 2.98 12.83
N TYR C 146 22.09 2.31 13.50
CA TYR C 146 23.48 2.69 13.44
C TYR C 146 24.26 1.53 12.86
N LEU C 147 24.92 1.76 11.73
CA LEU C 147 25.80 0.77 11.15
C LEU C 147 27.18 0.95 11.75
N ILE C 148 27.73 -0.10 12.37
CA ILE C 148 28.97 0.00 13.13
C ILE C 148 29.96 -1.03 12.60
N GLN C 149 31.18 -0.59 12.32
CA GLN C 149 32.27 -1.48 11.91
C GLN C 149 32.96 -2.04 13.16
N ALA C 150 32.23 -2.94 13.82
CA ALA C 150 32.74 -3.66 14.98
C ALA C 150 31.94 -4.95 15.10
N SER C 151 32.54 -5.94 15.75
CA SER C 151 31.82 -7.18 16.05
C SER C 151 30.57 -6.87 16.86
N PRO C 152 29.45 -7.56 16.61
CA PRO C 152 28.25 -7.37 17.44
C PRO C 152 28.49 -7.65 18.90
N PHE C 153 29.40 -8.56 19.23
CA PHE C 153 29.68 -8.83 20.64
C PHE C 153 30.51 -7.74 21.28
N ARG C 154 31.35 -7.04 20.51
CA ARG C 154 32.00 -5.85 21.05
C ARG C 154 31.00 -4.73 21.26
N VAL C 155 30.02 -4.58 20.36
CA VAL C 155 28.99 -3.58 20.56
C VAL C 155 28.27 -3.84 21.89
N MET C 156 27.88 -5.10 22.13
CA MET C 156 27.15 -5.38 23.37
C MET C 156 28.06 -5.26 24.60
N ASP C 157 29.30 -5.74 24.51
CA ASP C 157 30.27 -5.55 25.58
C ASP C 157 30.35 -4.09 26.01
N ASN C 158 30.40 -3.17 25.04
CA ASN C 158 30.48 -1.75 25.37
C ASN C 158 29.20 -1.28 26.08
N SER C 159 28.04 -1.86 25.75
N SER C 159 28.06 -1.86 25.73
CA SER C 159 26.80 -1.44 26.38
CA SER C 159 26.81 -1.47 26.36
C SER C 159 26.54 -2.13 27.71
C SER C 159 26.76 -1.96 27.80
N ILE C 160 27.37 -3.10 28.08
CA ILE C 160 27.34 -3.66 29.43
C ILE C 160 28.32 -2.95 30.36
N ASP C 161 29.36 -2.35 29.78
CA ASP C 161 30.40 -1.65 30.51
C ASP C 161 29.84 -0.35 31.11
N VAL C 162 30.04 -0.12 32.41
CA VAL C 162 29.59 1.12 33.03
C VAL C 162 30.74 2.03 33.46
N SER C 163 31.96 1.52 33.57
CA SER C 163 33.04 2.34 34.10
C SER C 163 33.53 3.37 33.10
N HIS C 164 33.18 3.24 31.80
CA HIS C 164 33.61 4.26 30.86
C HIS C 164 32.80 5.54 30.93
N PHE C 165 31.67 5.52 31.66
CA PHE C 165 30.74 6.66 31.62
C PHE C 165 31.40 8.00 31.88
N PRO C 166 32.23 8.17 32.91
CA PRO C 166 32.76 9.52 33.17
C PRO C 166 33.81 9.98 32.18
N PHE C 167 34.26 9.12 31.28
CA PHE C 167 35.33 9.48 30.36
C PHE C 167 34.79 9.76 28.97
N ILE C 168 34.13 8.80 28.33
CA ILE C 168 33.67 9.15 26.99
C ILE C 168 32.25 9.67 26.98
N HIS C 169 31.54 9.61 28.10
CA HIS C 169 30.27 10.31 28.21
C HIS C 169 30.37 11.45 29.23
N GLU C 170 31.59 11.99 29.42
CA GLU C 170 31.80 13.16 30.27
C GLU C 170 30.92 14.30 29.81
N GLY C 171 30.22 14.93 30.76
CA GLY C 171 29.30 16.03 30.40
C GLY C 171 27.86 15.55 30.33
N ILE C 172 27.64 14.24 30.26
CA ILE C 172 26.25 13.70 30.30
C ILE C 172 26.19 12.72 31.46
N LEU C 173 27.08 11.73 31.47
CA LEU C 173 27.04 10.69 32.53
C LEU C 173 28.24 10.76 33.47
N GLY C 174 28.63 11.96 33.87
CA GLY C 174 29.68 12.02 34.89
C GLY C 174 30.84 12.90 34.53
N ASP C 175 31.84 12.91 35.39
CA ASP C 175 33.05 13.68 35.04
C ASP C 175 34.26 12.89 35.51
N ARG C 176 35.41 13.14 34.89
CA ARG C 176 36.66 12.40 35.22
C ARG C 176 37.04 12.52 36.69
N ASN C 177 36.49 13.51 37.39
CA ASN C 177 36.86 13.75 38.81
C ASN C 177 35.88 13.02 39.72
N HIS C 178 34.92 12.29 39.13
CA HIS C 178 33.95 11.47 39.92
C HIS C 178 33.86 10.09 39.27
N ALA C 179 34.99 9.46 38.99
CA ALA C 179 35.01 8.21 38.20
C ALA C 179 35.03 6.91 39.00
N GLU C 180 35.03 6.96 40.32
CA GLU C 180 35.12 5.72 41.12
C GLU C 180 33.87 4.88 40.87
N VAL C 181 34.06 3.57 40.79
CA VAL C 181 32.92 2.67 40.52
C VAL C 181 32.68 1.82 41.75
N GLU C 182 31.44 1.85 42.23
CA GLU C 182 31.07 1.04 43.40
C GLU C 182 31.08 -0.44 43.03
N ASP C 183 30.96 -1.31 44.03
CA ASP C 183 30.87 -2.75 43.73
C ASP C 183 29.60 -3.00 42.93
N LEU C 184 29.69 -3.87 41.93
CA LEU C 184 28.54 -4.07 41.04
C LEU C 184 27.89 -5.42 41.34
N GLU C 185 26.59 -5.49 41.19
CA GLU C 185 25.86 -6.75 41.40
C GLU C 185 25.66 -7.35 40.01
N VAL C 186 26.20 -8.53 39.80
CA VAL C 186 26.12 -9.19 38.48
C VAL C 186 25.70 -10.64 38.72
N LYS C 187 24.75 -11.13 37.95
CA LYS C 187 24.43 -12.56 38.05
C LYS C 187 24.26 -13.17 36.66
N VAL C 188 24.81 -14.37 36.46
CA VAL C 188 24.56 -15.12 35.20
C VAL C 188 23.82 -16.38 35.63
N ASP C 189 22.58 -16.50 35.19
CA ASP C 189 21.75 -17.63 35.67
C ASP C 189 20.78 -18.06 34.57
N LYS C 190 19.69 -18.73 34.95
CA LYS C 190 18.72 -19.26 33.97
C LYS C 190 18.01 -18.13 33.22
N ASP C 191 18.01 -16.92 33.77
CA ASP C 191 17.34 -15.77 33.14
C ASP C 191 18.33 -15.00 32.27
N GLY C 192 19.58 -15.43 32.26
CA GLY C 192 20.63 -14.75 31.48
C GLY C 192 21.54 -13.91 32.35
N LEU C 193 22.10 -12.83 31.79
N LEU C 193 22.12 -12.85 31.78
CA LEU C 193 23.02 -11.96 32.54
CA LEU C 193 23.01 -11.95 32.55
C LEU C 193 22.25 -10.74 33.07
C LEU C 193 22.18 -10.80 33.09
N THR C 194 22.34 -10.48 34.38
CA THR C 194 21.60 -9.35 34.97
C THR C 194 22.52 -8.46 35.80
N MET C 195 22.57 -7.17 35.48
N MET C 195 22.57 -7.17 35.48
CA MET C 195 23.36 -6.23 36.32
CA MET C 195 23.36 -6.23 36.32
C MET C 195 22.37 -5.54 37.26
C MET C 195 22.37 -5.54 37.26
N GLY C 196 22.55 -5.73 38.56
CA GLY C 196 21.64 -5.13 39.54
C GLY C 196 21.69 -3.62 39.60
N LYS C 197 20.75 -3.05 40.34
CA LYS C 197 20.62 -1.57 40.41
C LYS C 197 21.97 -0.91 40.63
N TYR C 198 22.25 0.09 39.80
CA TYR C 198 23.55 0.80 39.86
C TYR C 198 23.24 2.31 39.83
N GLN C 199 23.85 3.05 40.75
CA GLN C 199 23.65 4.51 40.80
C GLN C 199 24.55 5.16 39.76
N VAL C 200 23.97 5.97 38.89
CA VAL C 200 24.78 6.68 37.87
C VAL C 200 24.92 8.14 38.29
N HIS C 201 26.16 8.60 38.31
CA HIS C 201 26.43 10.02 38.67
C HIS C 201 26.34 10.83 37.38
N THR C 202 25.41 11.78 37.33
CA THR C 202 25.17 12.54 36.08
C THR C 202 25.70 13.97 36.20
N SER C 203 25.98 14.58 35.07
CA SER C 203 26.43 15.98 35.07
C SER C 203 25.23 16.91 35.25
N LYS C 204 25.45 18.00 35.96
CA LYS C 204 24.40 19.00 36.11
C LYS C 204 24.13 19.69 34.78
N PHE C 205 22.85 19.87 34.44
CA PHE C 205 22.49 20.69 33.29
C PHE C 205 21.59 21.86 33.70
N ASN C 206 20.45 21.58 34.33
CA ASN C 206 19.50 22.62 34.71
C ASN C 206 19.75 22.99 36.17
N ASN C 207 20.25 24.20 36.39
CA ASN C 207 20.60 24.59 37.77
C ASN C 207 19.38 24.83 38.65
N SER C 208 18.19 24.98 38.07
CA SER C 208 16.99 25.22 38.89
C SER C 208 16.45 23.96 39.54
N THR C 209 16.81 22.78 39.05
CA THR C 209 16.15 21.55 39.46
C THR C 209 17.05 20.68 40.31
N LYS C 210 16.42 19.70 40.96
CA LYS C 210 17.13 18.75 41.79
C LYS C 210 18.01 17.84 40.93
N ASP C 211 18.98 17.20 41.58
CA ASP C 211 19.88 16.29 40.89
C ASP C 211 19.09 15.17 40.20
N ASP C 212 19.60 14.73 39.05
CA ASP C 212 18.94 13.66 38.31
C ASP C 212 18.96 12.35 39.10
N SER C 213 20.12 11.96 39.63
CA SER C 213 20.27 10.73 40.44
C SER C 213 19.59 9.52 39.78
N MET C 214 20.12 9.07 38.65
CA MET C 214 19.49 7.94 37.98
C MET C 214 20.04 6.62 38.52
N VAL C 215 19.16 5.63 38.55
CA VAL C 215 19.50 4.26 38.95
C VAL C 215 19.19 3.36 37.77
N ASN C 216 20.17 2.56 37.36
N ASN C 216 20.19 2.58 37.35
CA ASN C 216 20.09 1.75 36.16
CA ASN C 216 20.10 1.72 36.19
C ASN C 216 20.25 0.27 36.49
C ASN C 216 20.13 0.26 36.60
N TRP C 217 19.51 -0.58 35.77
CA TRP C 217 19.77 -2.01 35.80
C TRP C 217 19.44 -2.56 34.42
N PHE C 218 19.98 -3.75 34.12
CA PHE C 218 19.66 -4.32 32.81
C PHE C 218 19.74 -5.84 32.86
N ARG C 219 19.16 -6.47 31.85
CA ARG C 219 19.18 -7.93 31.77
C ARG C 219 19.27 -8.33 30.31
N LEU C 220 20.14 -9.29 30.02
CA LEU C 220 20.22 -9.91 28.70
C LEU C 220 19.73 -11.35 28.84
N SER C 221 18.59 -11.66 28.22
CA SER C 221 18.12 -13.04 28.10
C SER C 221 18.92 -13.79 27.06
N HIS C 222 19.35 -13.08 26.02
CA HIS C 222 20.15 -13.61 24.94
C HIS C 222 21.23 -12.59 24.63
N PRO C 223 22.36 -13.02 24.06
CA PRO C 223 23.58 -12.19 24.13
C PRO C 223 23.57 -10.96 23.24
N LEU C 224 22.62 -10.77 22.32
CA LEU C 224 22.68 -9.55 21.51
C LEU C 224 21.43 -8.69 21.66
N CYS C 225 20.69 -8.84 22.77
N CYS C 225 20.66 -8.91 22.72
CA CYS C 225 19.52 -8.02 23.05
CA CYS C 225 19.57 -8.03 23.10
C CYS C 225 19.44 -7.71 24.54
C CYS C 225 19.76 -7.67 24.56
N GLN C 226 19.48 -6.42 24.89
CA GLN C 226 19.58 -5.96 26.27
C GLN C 226 18.33 -5.17 26.64
N TYR C 227 17.73 -5.52 27.78
CA TYR C 227 16.61 -4.78 28.34
C TYR C 227 17.17 -3.90 29.45
N CYS C 228 16.95 -2.61 29.36
CA CYS C 228 17.60 -1.68 30.27
C CYS C 228 16.53 -0.81 30.92
N SER C 229 16.69 -0.55 32.21
CA SER C 229 15.69 0.15 32.99
C SER C 229 16.37 1.26 33.78
N THR C 230 15.87 2.49 33.67
CA THR C 230 16.45 3.62 34.36
C THR C 230 15.37 4.36 35.13
N GLU C 231 15.63 4.58 36.41
CA GLU C 231 14.76 5.44 37.23
C GLU C 231 15.48 6.75 37.46
N ALA C 232 14.86 7.84 37.02
CA ALA C 232 15.36 9.19 37.15
C ALA C 232 14.50 9.96 38.14
N SER C 233 14.68 11.29 38.17
CA SER C 233 14.13 12.12 39.24
C SER C 233 12.61 12.00 39.34
N GLU C 234 11.91 11.95 38.22
CA GLU C 234 10.47 11.80 38.27
C GLU C 234 9.96 11.08 37.03
N MET C 235 10.66 10.03 36.62
CA MET C 235 10.29 9.34 35.38
C MET C 235 11.05 8.03 35.30
N ARG C 236 10.42 7.03 34.69
CA ARG C 236 11.09 5.78 34.35
C ARG C 236 11.26 5.68 32.83
N THR C 237 12.45 5.24 32.40
CA THR C 237 12.76 5.02 30.99
C THR C 237 13.25 3.59 30.84
N VAL C 238 12.69 2.85 29.90
CA VAL C 238 13.14 1.51 29.61
C VAL C 238 13.51 1.45 28.13
N ASP C 239 14.40 0.53 27.78
CA ASP C 239 14.65 0.35 26.36
C ASP C 239 15.02 -1.09 26.08
N LEU C 240 14.78 -1.48 24.84
CA LEU C 240 15.24 -2.73 24.28
C LEU C 240 16.33 -2.38 23.27
N MET C 241 17.55 -2.81 23.55
CA MET C 241 18.68 -2.59 22.66
C MET C 241 18.88 -3.86 21.85
N VAL C 242 18.83 -3.78 20.52
CA VAL C 242 18.97 -4.97 19.69
C VAL C 242 20.15 -4.77 18.74
N VAL C 243 21.05 -5.74 18.72
CA VAL C 243 22.21 -5.69 17.84
C VAL C 243 21.97 -6.71 16.74
N THR C 244 22.03 -6.28 15.49
CA THR C 244 21.94 -7.21 14.35
C THR C 244 23.35 -7.67 14.00
N PRO C 245 23.65 -8.94 14.08
CA PRO C 245 24.99 -9.39 13.72
C PRO C 245 25.08 -9.55 12.20
N ILE C 246 25.50 -8.48 11.51
N ILE C 246 25.54 -8.48 11.53
CA ILE C 246 25.65 -8.57 10.05
CA ILE C 246 25.68 -8.51 10.07
C ILE C 246 26.60 -9.69 9.67
C ILE C 246 26.61 -9.63 9.65
N ASP C 247 27.77 -9.71 10.30
CA ASP C 247 28.72 -10.79 10.15
C ASP C 247 29.63 -10.72 11.37
N GLU C 248 30.82 -11.33 11.29
CA GLU C 248 31.67 -11.38 12.47
C GLU C 248 32.21 -10.02 12.87
N ASP C 249 32.28 -9.07 11.92
CA ASP C 249 33.04 -7.83 12.12
C ASP C 249 32.20 -6.57 11.98
N ASN C 250 30.88 -6.70 11.83
CA ASN C 250 30.00 -5.58 11.49
C ASN C 250 28.64 -5.77 12.17
N SER C 251 28.02 -4.66 12.56
CA SER C 251 26.78 -4.69 13.32
C SER C 251 25.85 -3.58 12.90
N VAL C 252 24.55 -3.78 13.13
CA VAL C 252 23.56 -2.70 13.13
C VAL C 252 23.00 -2.58 14.55
N LEU C 253 22.91 -1.35 15.04
CA LEU C 253 22.44 -1.09 16.39
C LEU C 253 21.13 -0.31 16.35
N ARG C 254 20.15 -0.74 17.13
CA ARG C 254 18.85 -0.04 17.21
C ARG C 254 18.37 -0.08 18.65
N TYR C 255 17.62 0.96 19.05
CA TYR C 255 16.90 0.97 20.33
C TYR C 255 15.43 1.25 20.12
N LEU C 256 14.60 0.52 20.88
CA LEU C 256 13.23 0.88 21.17
C LEU C 256 13.19 1.43 22.59
N ILE C 257 12.70 2.67 22.75
CA ILE C 257 12.76 3.40 24.02
C ILE C 257 11.34 3.71 24.47
N MET C 258 11.02 3.44 25.73
CA MET C 258 9.72 3.78 26.27
C MET C 258 9.90 4.52 27.58
N TRP C 259 9.03 5.49 27.86
CA TRP C 259 9.17 6.32 29.05
C TRP C 259 7.79 6.76 29.49
N ASN C 260 7.61 6.98 30.80
CA ASN C 260 6.30 7.32 31.33
C ASN C 260 6.15 8.79 31.70
N GLY C 261 7.11 9.64 31.34
CA GLY C 261 7.00 11.07 31.47
C GLY C 261 6.29 11.68 30.28
N SER C 262 6.44 13.00 30.13
CA SER C 262 5.72 13.70 29.08
C SER C 262 6.17 13.24 27.69
N LYS C 263 5.19 13.05 26.81
CA LYS C 263 5.48 12.72 25.41
C LYS C 263 6.37 13.76 24.76
N THR C 264 6.36 15.01 25.26
CA THR C 264 7.15 16.08 24.67
C THR C 264 8.64 15.89 24.85
N LEU C 265 9.06 14.92 25.66
CA LEU C 265 10.47 14.65 25.88
C LEU C 265 11.10 13.83 24.76
N GLU C 266 10.31 13.39 23.77
CA GLU C 266 10.83 12.47 22.76
C GLU C 266 12.09 13.01 22.07
N SER C 267 12.05 14.29 21.67
CA SER C 267 13.21 14.87 20.99
C SER C 267 14.44 14.85 21.85
N LYS C 268 14.30 15.23 23.13
CA LYS C 268 15.46 15.23 24.01
C LYS C 268 15.97 13.81 24.20
N ILE C 269 15.06 12.84 24.29
CA ILE C 269 15.51 11.46 24.48
C ILE C 269 16.31 11.00 23.27
N LEU C 270 15.77 11.22 22.07
CA LEU C 270 16.46 10.76 20.88
C LEU C 270 17.82 11.44 20.73
N ALA C 271 17.91 12.72 21.08
CA ALA C 271 19.18 13.43 20.91
C ALA C 271 20.20 12.99 21.95
N ASP C 272 19.74 12.70 23.17
CA ASP C 272 20.66 12.22 24.20
C ASP C 272 21.19 10.84 23.86
N TYR C 273 20.32 9.95 23.36
CA TYR C 273 20.78 8.64 22.90
C TYR C 273 21.78 8.80 21.76
N ASP C 274 21.46 9.61 20.77
CA ASP C 274 22.37 9.78 19.63
C ASP C 274 23.74 10.27 20.09
N GLN C 275 23.77 11.20 21.05
CA GLN C 275 25.05 11.71 21.52
C GLN C 275 25.89 10.62 22.18
N VAL C 276 25.27 9.84 23.07
CA VAL C 276 25.97 8.76 23.75
C VAL C 276 26.42 7.69 22.75
N ILE C 277 25.50 7.30 21.85
CA ILE C 277 25.82 6.22 20.91
C ILE C 277 27.02 6.59 20.04
N GLU C 278 27.03 7.82 19.51
CA GLU C 278 28.15 8.20 18.66
C GLU C 278 29.45 8.27 19.44
N GLU C 279 29.41 8.66 20.72
CA GLU C 279 30.62 8.61 21.53
C GLU C 279 31.13 7.18 21.66
N ASP C 280 30.22 6.22 21.87
CA ASP C 280 30.64 4.83 21.95
C ASP C 280 31.16 4.31 20.60
N ILE C 281 30.55 4.74 19.48
CA ILE C 281 30.98 4.23 18.18
C ILE C 281 32.42 4.63 17.89
N ARG C 282 32.82 5.83 18.33
CA ARG C 282 34.23 6.22 18.15
C ARG C 282 35.18 5.23 18.80
N ILE C 283 34.83 4.74 20.00
CA ILE C 283 35.67 3.73 20.65
C ILE C 283 35.55 2.39 19.94
N LEU C 284 34.32 1.94 19.67
CA LEU C 284 34.11 0.63 19.04
C LEU C 284 34.89 0.48 17.73
N HIS C 285 34.84 1.52 16.88
N HIS C 285 34.82 1.51 16.87
CA HIS C 285 35.53 1.47 15.59
CA HIS C 285 35.50 1.47 15.58
C HIS C 285 37.02 1.23 15.78
C HIS C 285 37.01 1.31 15.75
N SER C 286 37.57 1.70 16.89
CA SER C 286 39.02 1.68 17.11
C SER C 286 39.53 0.41 17.78
N GLN C 287 38.67 -0.41 18.37
CA GLN C 287 39.15 -1.47 19.23
C GLN C 287 39.79 -2.59 18.42
N GLN C 288 40.89 -3.10 18.97
CA GLN C 288 41.58 -4.24 18.34
C GLN C 288 41.84 -5.30 19.42
N PRO C 289 41.70 -6.61 19.13
CA PRO C 289 41.15 -7.07 17.85
C PRO C 289 39.65 -6.80 17.62
N THR C 290 39.22 -6.82 16.30
N THR C 290 39.24 -6.76 16.35
CA THR C 290 37.83 -6.46 16.03
CA THR C 290 37.82 -6.47 16.02
C THR C 290 36.86 -7.40 16.75
C THR C 290 36.88 -7.40 16.78
N ARG C 291 37.19 -8.68 16.81
CA ARG C 291 36.32 -9.63 17.49
C ARG C 291 36.58 -9.61 18.99
N LEU C 292 35.55 -9.91 19.75
CA LEU C 292 35.61 -9.81 21.22
C LEU C 292 36.47 -10.93 21.80
N PRO C 293 37.52 -10.61 22.56
CA PRO C 293 38.32 -11.68 23.19
C PRO C 293 37.58 -12.32 24.35
N LEU C 294 37.46 -13.65 24.32
CA LEU C 294 36.89 -14.37 25.44
C LEU C 294 37.96 -14.61 26.50
N LEU C 295 37.58 -15.25 27.59
CA LEU C 295 38.48 -15.44 28.72
C LEU C 295 39.44 -16.59 28.46
N SER C 296 40.60 -16.56 29.13
CA SER C 296 41.55 -17.67 29.05
C SER C 296 42.59 -17.60 30.16
N LEU C 305 49.05 -9.46 20.28
CA LEU C 305 48.46 -8.49 21.21
C LEU C 305 48.33 -9.12 22.60
N PRO C 306 48.66 -8.36 23.65
CA PRO C 306 48.57 -8.91 25.00
C PRO C 306 47.12 -9.22 25.38
N GLN C 307 46.98 -10.12 26.35
CA GLN C 307 45.66 -10.52 26.84
C GLN C 307 44.97 -9.33 27.49
N GLU C 308 43.64 -9.35 27.46
CA GLU C 308 42.89 -8.33 28.17
C GLU C 308 43.15 -8.40 29.66
N ILE C 309 43.09 -7.23 30.31
CA ILE C 309 43.23 -7.11 31.75
C ILE C 309 41.86 -6.81 32.33
N HIS C 310 41.56 -7.40 33.49
CA HIS C 310 40.27 -7.17 34.13
C HIS C 310 40.47 -6.66 35.55
N VAL C 311 39.70 -5.64 35.92
CA VAL C 311 39.69 -5.05 37.24
C VAL C 311 38.29 -5.25 37.84
N PRO C 312 38.08 -4.97 39.14
CA PRO C 312 36.77 -5.26 39.73
C PRO C 312 35.58 -4.60 39.04
N SER C 313 35.73 -3.39 38.51
CA SER C 313 34.59 -2.77 37.83
C SER C 313 34.28 -3.41 36.48
N ASP C 314 35.07 -4.40 36.03
CA ASP C 314 34.78 -5.16 34.83
C ASP C 314 33.96 -6.42 35.11
N ARG C 315 33.43 -6.55 36.33
N ARG C 315 33.41 -6.55 36.32
CA ARG C 315 32.75 -7.77 36.72
CA ARG C 315 32.73 -7.79 36.69
C ARG C 315 31.69 -8.20 35.71
C ARG C 315 31.63 -8.16 35.70
N CYS C 316 30.91 -7.25 35.20
N CYS C 316 30.89 -7.17 35.18
CA CYS C 316 29.84 -7.64 34.29
CA CYS C 316 29.80 -7.49 34.27
C CYS C 316 30.34 -7.94 32.89
C CYS C 316 30.33 -7.90 32.90
N THR C 317 31.38 -7.22 32.42
CA THR C 317 31.91 -7.55 31.10
C THR C 317 32.71 -8.84 31.14
N VAL C 318 33.32 -9.16 32.29
CA VAL C 318 33.91 -10.48 32.45
C VAL C 318 32.81 -11.55 32.40
N ALA C 319 31.72 -11.33 33.12
CA ALA C 319 30.63 -12.30 33.14
C ALA C 319 30.04 -12.48 31.74
N TYR C 320 30.02 -11.41 30.94
CA TYR C 320 29.52 -11.52 29.58
C TYR C 320 30.40 -12.45 28.76
N ARG C 321 31.72 -12.29 28.87
CA ARG C 321 32.62 -13.15 28.13
C ARG C 321 32.49 -14.60 28.58
N ARG C 322 32.38 -14.83 29.89
N ARG C 322 32.37 -14.84 29.88
CA ARG C 322 32.18 -16.19 30.41
CA ARG C 322 32.20 -16.21 30.37
C ARG C 322 30.90 -16.80 29.85
C ARG C 322 30.89 -16.82 29.86
N TRP C 323 29.83 -16.01 29.79
CA TRP C 323 28.56 -16.51 29.28
C TRP C 323 28.66 -16.91 27.82
N LEU C 324 29.34 -16.10 27.01
CA LEU C 324 29.50 -16.42 25.60
C LEU C 324 30.23 -17.74 25.41
N LYS C 325 31.24 -18.01 26.22
CA LYS C 325 31.91 -19.29 26.11
C LYS C 325 30.98 -20.43 26.56
N GLU C 326 30.23 -20.23 27.65
CA GLU C 326 29.24 -21.23 28.07
C GLU C 326 28.22 -21.48 26.97
N LEU C 327 27.84 -20.44 26.22
CA LEU C 327 26.89 -20.59 25.14
C LEU C 327 27.52 -21.26 23.91
N GLY C 328 28.85 -21.34 23.84
CA GLY C 328 29.49 -21.92 22.70
C GLY C 328 29.72 -20.98 21.53
N VAL C 329 29.70 -19.68 21.77
CA VAL C 329 29.88 -18.72 20.68
C VAL C 329 31.33 -18.73 20.23
N THR C 330 31.55 -18.90 18.91
CA THR C 330 32.86 -18.75 18.28
C THR C 330 32.86 -17.69 17.18
N TYR C 331 31.69 -17.26 16.74
CA TYR C 331 31.52 -16.32 15.65
C TYR C 331 31.53 -14.90 16.21
N GLY C 332 32.36 -14.01 15.65
CA GLY C 332 32.45 -12.65 16.17
C GLY C 332 33.27 -12.48 17.42
N VAL C 333 33.94 -13.55 17.88
CA VAL C 333 34.72 -13.55 19.11
C VAL C 333 36.07 -14.21 18.80
N CYS C 334 37.03 -14.00 19.69
CA CYS C 334 38.36 -14.59 19.49
C CYS C 334 39.04 -14.96 20.81
FE1 FES D . -18.83 -17.47 -56.07
FE2 FES D . -18.14 -17.47 -53.44
S1 FES D . -16.81 -17.52 -55.20
S2 FES D . -20.16 -17.59 -54.28
C10 9SL E . -23.16 -17.77 -10.57
C20 9SL E . -24.94 -17.41 -8.95
O01 9SL E . -22.16 -23.39 -8.91
C02 9SL E . -21.59 -22.68 -8.10
O03 9SL E . -21.57 -21.33 -8.18
C04 9SL E . -22.12 -20.74 -9.38
C05 9SL E . -21.38 -19.44 -9.64
N06 9SL E . -21.51 -18.59 -8.44
C07 9SL E . -22.58 -17.82 -8.17
N08 9SL E . -22.80 -17.16 -7.06
N09 9SL E . -23.54 -17.79 -9.15
N11 9SL E . -22.74 -16.46 -11.08
C12 9SL E . -21.48 -16.49 -11.55
N13 9SL E . -20.99 -17.74 -11.41
C14 9SL E . -21.93 -18.70 -10.86
N15 9SL E . -20.78 -15.54 -12.07
C16 9SL E . -24.52 -18.08 -11.25
O17 9SL E . -24.68 -19.47 -11.18
O18 9SL E . -24.57 -17.71 -12.61
C19 9SL E . -25.49 -17.31 -10.37
N21 9SL E . -20.92 -23.12 -7.04
C1 GOL F . -13.57 -27.44 -25.97
O1 GOL F . -14.95 -27.35 -26.22
C2 GOL F . -13.28 -28.81 -25.34
O2 GOL F . -14.14 -29.11 -24.29
C3 GOL F . -13.38 -29.83 -26.49
O3 GOL F . -14.68 -29.75 -27.00
C1 GOL G . -0.92 -22.91 -32.36
O1 GOL G . -1.90 -22.28 -31.58
C2 GOL G . -0.88 -24.40 -31.91
O2 GOL G . -2.12 -24.83 -31.46
C3 GOL G . -0.39 -25.22 -33.15
O3 GOL G . 0.79 -24.63 -33.64
C1 GOL H . -37.94 -2.88 -31.11
O1 GOL H . -37.72 -2.61 -29.77
C2 GOL H . -37.85 -4.40 -31.24
O2 GOL H . -38.74 -5.05 -30.37
C3 GOL H . -36.38 -4.73 -30.94
O3 GOL H . -36.36 -5.63 -29.85
FE FE I . -29.51 -19.62 -10.15
CL CL J . -4.60 -24.17 -13.73
CL CL K . -21.20 -7.20 -22.24
CL CL L . -2.60 -21.86 -44.50
FE1 FES M . -26.93 13.72 18.40
FE2 FES M . -29.05 13.96 20.06
S1 FES M . -27.01 14.80 20.31
S2 FES M . -28.90 12.78 18.23
C10 9SL N . 12.92 18.11 2.67
C20 9SL N . 14.93 19.48 2.93
O01 9SL N . 15.50 12.87 3.95
C02 9SL N . 15.78 13.13 2.80
O03 9SL N . 15.34 14.22 2.14
C04 9SL N . 14.36 15.05 2.84
C05 9SL N . 13.49 15.72 1.80
N06 9SL N . 14.36 16.48 0.90
C07 9SL N . 14.82 17.71 1.15
N08 9SL N . 15.72 18.36 0.47
N09 9SL N . 14.33 18.31 2.29
N11 9SL N . 11.96 18.95 1.93
C12 9SL N . 11.06 18.21 1.26
N13 9SL N . 11.31 16.90 1.49
C14 9SL N . 12.42 16.65 2.39
N15 9SL N . 10.06 18.60 0.53
C16 9SL N . 12.98 18.66 4.14
O17 9SL N . 13.52 17.64 4.92
O18 9SL N . 11.71 18.96 4.66
C19 9SL N . 13.88 19.88 3.98
N21 9SL N . 16.57 12.38 2.01
C1 GOL O . 5.57 1.67 -5.72
O1 GOL O . 4.51 2.26 -6.33
C2 GOL O . 5.91 0.48 -6.66
O2 GOL O . 5.11 -0.63 -6.38
C3 GOL O . 5.67 1.04 -8.07
O3 GOL O . 6.35 0.23 -8.96
C1 GOL P . -3.21 36.33 17.41
O1 GOL P . -3.78 35.14 17.91
C2 GOL P . -3.37 36.27 15.88
O2 GOL P . -2.50 35.31 15.31
C3 GOL P . -4.88 35.94 15.69
O3 GOL P . -5.16 35.99 14.34
C1 GOL Q . 13.72 25.77 -11.20
O1 GOL Q . 13.74 27.15 -11.41
C2 GOL Q . 13.25 25.11 -12.52
O2 GOL Q . 13.72 23.80 -12.64
C3 GOL Q . 11.70 25.16 -12.47
O3 GOL Q . 11.24 24.43 -13.58
C1 GOL R . -15.38 18.79 -4.13
O1 GOL R . -15.07 20.13 -4.36
C2 GOL R . -16.01 18.72 -2.73
O2 GOL R . -16.87 19.79 -2.49
C3 GOL R . -16.77 17.36 -2.67
O3 GOL R . -17.08 17.13 -1.31
FE FE S . 15.99 20.26 8.21
CL CL T . -2.17 31.11 -1.32
CL CL U . 5.29 22.26 -9.31
FE1 FES V . 15.29 -15.78 -11.71
FE2 FES V . 15.74 -16.80 -14.15
S1 FES V . 17.22 -16.02 -12.71
S2 FES V . 13.80 -16.38 -13.17
C10 9SL W . 22.54 2.23 27.08
C20 9SL W . 24.45 2.54 28.56
O01 9SL W . 21.38 7.97 26.39
C02 9SL W . 20.87 7.66 27.45
O03 9SL W . 20.78 6.39 27.86
C04 9SL W . 21.30 5.37 26.97
C05 9SL W . 20.69 4.05 27.37
N06 9SL W . 21.00 3.79 28.77
C07 9SL W . 22.15 3.28 29.24
N08 9SL W . 22.53 3.15 30.49
N09 9SL W . 23.05 2.91 28.28
N11 9SL W . 22.12 0.83 27.24
C12 9SL W . 20.86 0.61 26.79
N13 9SL W . 20.34 1.79 26.37
C14 9SL W . 21.26 2.92 26.51
N15 9SL W . 20.17 -0.48 26.67
C16 9SL W . 23.85 2.22 26.24
O17 9SL W . 24.03 3.52 25.75
O18 9SL W . 23.77 1.34 25.15
C19 9SL W . 24.89 1.85 27.28
N21 9SL W . 20.33 8.50 28.32
C1 GOL X . 1.83 7.66 22.37
O1 GOL X . 2.11 7.57 23.75
C2 GOL X . 2.84 6.76 21.64
O2 GOL X . 4.14 7.08 21.97
C3 GOL X . 2.49 5.32 22.08
O3 GOL X . 1.95 4.69 20.95
C1 GOL Y . 5.25 -12.07 9.41
O1 GOL Y . 4.80 -10.74 9.34
C2 GOL Y . 4.48 -12.74 10.60
O2 GOL Y . 3.73 -11.81 11.30
C3 GOL Y . 3.57 -13.82 9.94
O3 GOL Y . 4.43 -14.80 9.46
C1 GOL Z . 26.12 13.25 13.09
O1 GOL Z . 26.13 14.56 13.62
C2 GOL Z . 25.83 12.28 14.27
O2 GOL Z . 25.02 12.86 15.24
C3 GOL Z . 25.15 11.07 13.63
O3 GOL Z . 24.43 10.42 14.64
C1 GOL AA . 1.14 -23.00 -13.10
O1 GOL AA . 1.72 -22.44 -14.25
C2 GOL AA . 1.17 -24.56 -13.24
O2 GOL AA . 0.98 -25.21 -12.02
C3 GOL AA . 0.04 -24.90 -14.25
O3 GOL AA . -1.04 -25.36 -13.49
C1 GOL BA . 2.06 -5.80 18.28
O1 GOL BA . 1.65 -5.25 19.51
C2 GOL BA . 3.61 -5.88 18.30
O2 GOL BA . 4.08 -6.71 19.35
C3 GOL BA . 4.01 -6.40 16.84
O3 GOL BA . 4.74 -5.41 16.12
FE FE CA . 28.90 4.15 26.42
CL CL DA . 0.53 -8.09 -4.17
CL CL EA . 3.94 -24.72 -21.27
CL CL FA . -1.10 -3.11 6.24
#